data_2BRV
#
_entry.id   2BRV
#
_cell.length_a   117.722
_cell.length_b   101.052
_cell.length_c   85.211
_cell.angle_alpha   90.00
_cell.angle_beta   125.12
_cell.angle_gamma   90.00
#
_symmetry.space_group_name_H-M   'C 1 2 1'
#
loop_
_entity.id
_entity.type
_entity.pdbx_description
1 polymer 'HYALURONATE LYASE'
2 non-polymer 'MALONIC ACID'
#
_entity_poly.entity_id   1
_entity_poly.type   'polypeptide(L)'
_entity_poly.pdbx_seq_one_letter_code
;ASVKDTYTDRLDDWNGIIAGNQYYDSKNDQMAKLNQELEGKVADSLSSISSQADRIYLWEKFSNYKTSANLTATYRKLEE
MAKQVTNPSSRYYQDETVVRTVRDSMEWMHKHVYNSEKSIVGNWWDYEIGTPRAINNTLSLMKEYFSDEEIKKYTDVIEK
FVPDPEHFRKTTDNPFKALGGNLVDMGRVKVIAGLLRKDDQEISSTIRSIEQVFKLVDQGEGFYQDGSYIDHTNVAYTGA
YGNVLIDGLSQLLPVIQKTKNPIDKDKMQTMYHWIDKSFAPLLVNGELMDMSRGRSISRANSEGHVAAVEVLRGIHRIAD
MSEGETKQRLQSLVKTIVQSDSYYDVFKNLKTYKDISLMQSLLSDAGVASVPRTSYLSAFNKMDKTAMYNAEKGFGFGLS
LFSSRTLNYEHMNKENKRGWYTSDGMFYLYNGDLSHYSDGYWPTVNPYKMPGTTETDAKRADSDTGKVLPSAFVGTSKLD
DANATATMDFTNWNQTLTAHKSWFMLKDKIAFLGSNIQNTSTDTAATTIDQRKLESSNPYKVYVNDKEASLTEQEKDYPE
TQSVFLESSDSKKNIGYFFFKKSSISMSKALQKGAWKDINEGQSDKEVENEFLTISQAHKQNGDSYGYMLIPNVDRATFN
QMIKELESSLIENNETLQSVYDAKQGVWGIVKYDDSVSTISNQFQVLKRGVYTIRKEGDEYKIAYYNPETQESAPDQEVF
KKLEQHHHHHH
;
_entity_poly.pdbx_strand_id   X
#
loop_
_chem_comp.id
_chem_comp.type
_chem_comp.name
_chem_comp.formula
MLA non-polymer 'MALONIC ACID' 'C3 H4 O4'
#
# COMPACT_ATOMS: atom_id res chain seq x y z
N VAL A 3 16.55 -40.25 -1.30
CA VAL A 3 18.01 -40.56 -1.25
C VAL A 3 18.82 -39.30 -1.53
N LYS A 4 19.94 -39.14 -0.82
CA LYS A 4 20.84 -38.00 -1.00
C LYS A 4 21.02 -37.65 -2.48
N ASP A 5 20.78 -36.37 -2.82
CA ASP A 5 20.93 -35.89 -4.20
C ASP A 5 20.93 -34.35 -4.32
N THR A 6 21.20 -33.83 -5.52
CA THR A 6 21.34 -32.39 -5.75
C THR A 6 20.01 -31.62 -5.75
N TYR A 7 18.99 -32.22 -6.35
CA TYR A 7 17.62 -31.69 -6.31
C TYR A 7 17.20 -31.33 -4.88
N THR A 8 17.67 -32.11 -3.90
CA THR A 8 17.36 -31.87 -2.48
C THR A 8 18.28 -30.85 -1.82
N ASP A 9 19.51 -30.72 -2.29
CA ASP A 9 20.41 -29.69 -1.75
C ASP A 9 19.94 -28.27 -2.06
N ARG A 10 18.96 -28.13 -2.95
CA ARG A 10 18.31 -26.84 -3.23
C ARG A 10 17.03 -26.63 -2.43
N LEU A 11 16.42 -27.71 -1.96
CA LEU A 11 15.36 -27.62 -0.95
C LEU A 11 15.98 -27.37 0.42
N ASP A 12 17.28 -27.63 0.57
CA ASP A 12 18.03 -27.26 1.77
C ASP A 12 18.16 -25.75 1.86
N ASP A 13 18.39 -25.12 0.71
CA ASP A 13 18.47 -23.67 0.62
C ASP A 13 17.12 -23.07 1.00
N TRP A 14 16.09 -23.56 0.32
CA TRP A 14 14.72 -23.12 0.51
C TRP A 14 14.35 -23.10 1.99
N ASN A 15 14.52 -24.24 2.64
CA ASN A 15 14.25 -24.37 4.07
C ASN A 15 14.84 -23.23 4.89
N GLY A 16 16.09 -22.87 4.59
CA GLY A 16 16.76 -21.77 5.27
C GLY A 16 16.08 -20.41 5.15
N ILE A 17 15.62 -20.09 3.94
CA ILE A 17 14.94 -18.81 3.68
C ILE A 17 13.59 -18.70 4.39
N ILE A 18 12.85 -19.80 4.46
CA ILE A 18 11.48 -19.79 4.95
C ILE A 18 11.37 -20.26 6.41
N ALA A 19 12.46 -20.83 6.93
CA ALA A 19 12.49 -21.32 8.31
C ALA A 19 13.67 -20.73 9.07
N GLY A 20 14.89 -20.93 8.57
CA GLY A 20 16.08 -20.32 9.14
C GLY A 20 16.65 -21.02 10.36
N ASN A 21 16.35 -22.31 10.50
CA ASN A 21 16.84 -23.08 11.65
C ASN A 21 18.36 -23.22 11.64
N GLN A 22 18.94 -23.37 10.46
CA GLN A 22 20.39 -23.42 10.28
C GLN A 22 21.07 -22.26 10.99
N TYR A 23 20.54 -21.06 10.77
CA TYR A 23 21.08 -19.81 11.32
C TYR A 23 20.35 -19.44 12.61
N TYR A 24 20.33 -20.36 13.57
CA TYR A 24 19.69 -20.10 14.86
C TYR A 24 20.73 -20.01 15.99
N ASP A 25 20.31 -19.34 17.07
CA ASP A 25 21.14 -19.12 18.24
C ASP A 25 20.20 -18.96 19.45
N SER A 26 20.43 -19.74 20.50
CA SER A 26 19.49 -19.81 21.63
C SER A 26 19.50 -18.56 22.51
N LYS A 27 20.61 -17.80 22.47
CA LYS A 27 20.75 -16.57 23.26
C LYS A 27 20.82 -15.32 22.37
N ASN A 28 20.33 -15.43 21.13
CA ASN A 28 20.11 -14.28 20.27
C ASN A 28 18.73 -13.71 20.57
N ASP A 29 18.71 -12.68 21.42
CA ASP A 29 17.49 -12.15 22.05
C ASP A 29 16.22 -12.07 21.19
N GLN A 30 16.38 -11.67 19.93
CA GLN A 30 15.25 -11.43 19.03
C GLN A 30 14.71 -12.72 18.39
N MET A 31 15.62 -13.61 18.02
CA MET A 31 15.26 -14.93 17.51
C MET A 31 14.44 -15.70 18.54
N ALA A 32 14.82 -15.55 19.81
CA ALA A 32 14.18 -16.25 20.92
C ALA A 32 12.78 -15.74 21.21
N LYS A 33 12.45 -14.55 20.69
CA LYS A 33 11.09 -14.00 20.79
C LYS A 33 10.19 -14.64 19.74
N LEU A 34 10.75 -14.87 18.54
CA LEU A 34 10.05 -15.60 17.48
C LEU A 34 9.93 -17.09 17.81
N ASN A 35 10.78 -17.58 18.72
CA ASN A 35 10.70 -18.98 19.12
C ASN A 35 9.55 -19.19 20.09
N GLN A 36 9.57 -18.49 21.22
CA GLN A 36 8.45 -18.50 22.18
C GLN A 36 7.11 -18.47 21.45
N GLU A 37 7.02 -17.63 20.43
CA GLU A 37 5.83 -17.55 19.58
C GLU A 37 5.49 -18.90 18.95
N LEU A 38 6.42 -19.45 18.18
CA LEU A 38 6.22 -20.74 17.49
C LEU A 38 5.84 -21.88 18.45
N GLU A 39 6.45 -21.89 19.63
CA GLU A 39 6.23 -22.95 20.62
C GLU A 39 4.77 -23.01 21.03
N GLY A 40 4.18 -21.82 21.23
CA GLY A 40 2.79 -21.70 21.61
C GLY A 40 1.82 -21.87 20.45
N LYS A 41 2.29 -21.61 19.23
CA LYS A 41 1.50 -21.84 18.03
C LYS A 41 1.29 -23.34 17.90
N VAL A 42 2.29 -24.07 17.41
CA VAL A 42 2.23 -25.53 17.43
C VAL A 42 1.34 -26.05 18.56
N ALA A 43 1.62 -25.61 19.79
CA ALA A 43 0.89 -26.02 20.98
C ALA A 43 -0.62 -25.77 20.94
N ASP A 44 -1.05 -24.69 20.30
CA ASP A 44 -2.48 -24.35 20.21
C ASP A 44 -3.16 -25.16 19.11
N SER A 45 -2.42 -25.47 18.05
CA SER A 45 -2.88 -26.44 17.06
C SER A 45 -2.79 -27.84 17.69
N LEU A 46 -1.64 -28.50 17.55
CA LEU A 46 -1.33 -29.77 18.24
C LEU A 46 -2.24 -30.15 19.41
N SER A 47 -2.42 -29.21 20.36
CA SER A 47 -3.23 -29.46 21.56
C SER A 47 -4.72 -29.13 21.36
N SER A 48 -5.32 -29.65 20.30
CA SER A 48 -6.73 -29.38 19.94
C SER A 48 -7.19 -30.15 18.70
N ILE A 49 -6.24 -30.52 17.84
CA ILE A 49 -6.46 -31.49 16.76
C ILE A 49 -6.96 -32.84 17.30
N LEU A 58 -10.42 -32.64 12.60
CA LEU A 58 -9.67 -32.84 13.84
C LEU A 58 -9.72 -31.59 14.75
N TRP A 59 -9.73 -30.41 14.13
CA TRP A 59 -9.92 -29.14 14.84
C TRP A 59 -11.35 -28.62 14.59
N GLU A 60 -11.98 -28.01 15.59
CA GLU A 60 -13.23 -27.26 15.35
C GLU A 60 -12.92 -25.85 14.82
N LYS A 61 -11.81 -25.26 15.24
CA LYS A 61 -11.39 -23.95 14.73
C LYS A 61 -11.34 -23.96 13.20
N PHE A 62 -10.94 -25.10 12.63
CA PHE A 62 -10.90 -25.29 11.18
C PHE A 62 -11.63 -26.57 10.75
N SER A 63 -12.92 -26.66 11.12
CA SER A 63 -13.74 -27.84 10.85
C SER A 63 -14.48 -27.71 9.52
N ASN A 64 -15.29 -26.67 9.41
CA ASN A 64 -16.11 -26.41 8.21
C ASN A 64 -15.32 -26.59 6.91
N TYR A 65 -15.77 -27.55 6.09
CA TYR A 65 -15.04 -27.96 4.89
C TYR A 65 -15.39 -27.12 3.65
N LYS A 66 -16.64 -26.69 3.57
CA LYS A 66 -17.17 -26.07 2.34
C LYS A 66 -16.67 -24.64 2.12
N THR A 67 -16.22 -23.99 3.19
CA THR A 67 -15.34 -22.83 3.06
C THR A 67 -13.92 -23.36 2.97
N SER A 68 -13.29 -23.17 1.82
CA SER A 68 -12.00 -23.81 1.53
C SER A 68 -10.81 -23.14 2.21
N ALA A 69 -11.00 -21.89 2.66
CA ALA A 69 -9.99 -21.16 3.42
C ALA A 69 -9.55 -21.91 4.68
N ASN A 70 -10.39 -22.83 5.15
CA ASN A 70 -10.08 -23.66 6.31
C ASN A 70 -8.98 -24.68 6.07
N LEU A 71 -8.81 -25.13 4.83
CA LEU A 71 -7.79 -26.14 4.52
C LEU A 71 -6.39 -25.56 4.53
N THR A 72 -6.21 -24.39 3.91
CA THR A 72 -4.93 -23.70 3.98
C THR A 72 -4.48 -23.67 5.44
N ALA A 73 -5.36 -23.23 6.33
CA ALA A 73 -5.09 -23.18 7.77
C ALA A 73 -4.77 -24.55 8.38
N THR A 74 -5.38 -25.61 7.86
CA THR A 74 -5.07 -26.97 8.28
C THR A 74 -3.60 -27.28 8.03
N TYR A 75 -3.20 -27.30 6.75
CA TYR A 75 -1.81 -27.54 6.35
C TYR A 75 -0.84 -26.44 6.79
N ARG A 76 -1.35 -25.26 7.14
CA ARG A 76 -0.49 -24.12 7.49
C ARG A 76 -0.05 -24.23 8.94
N LYS A 77 -0.89 -24.85 9.76
CA LYS A 77 -0.56 -25.13 11.14
C LYS A 77 0.19 -26.47 11.24
N LEU A 78 0.12 -27.27 10.17
CA LEU A 78 1.00 -28.44 10.01
C LEU A 78 2.38 -28.01 9.50
N GLU A 79 2.42 -26.88 8.80
CA GLU A 79 3.67 -26.26 8.39
C GLU A 79 4.38 -25.69 9.61
N GLU A 80 3.60 -25.22 10.58
CA GLU A 80 4.11 -24.64 11.82
C GLU A 80 4.83 -25.67 12.69
N MET A 81 4.39 -26.93 12.63
CA MET A 81 5.04 -28.00 13.38
C MET A 81 6.40 -28.23 12.73
N ALA A 82 6.39 -28.53 11.44
CA ALA A 82 7.61 -28.77 10.67
C ALA A 82 8.79 -27.90 11.11
N LYS A 83 8.53 -26.61 11.33
CA LYS A 83 9.58 -25.68 11.77
C LYS A 83 10.14 -26.07 13.13
N GLN A 84 9.28 -26.14 14.14
CA GLN A 84 9.71 -26.54 15.48
C GLN A 84 10.22 -27.98 15.53
N VAL A 85 9.53 -28.88 14.83
CA VAL A 85 9.95 -30.28 14.72
C VAL A 85 11.42 -30.38 14.31
N THR A 86 11.76 -29.72 13.21
CA THR A 86 13.14 -29.61 12.75
C THR A 86 13.71 -28.30 13.24
N ASN A 87 13.89 -28.19 14.56
CA ASN A 87 14.55 -27.04 15.17
C ASN A 87 15.39 -27.52 16.34
N PRO A 88 16.69 -27.65 16.13
CA PRO A 88 17.62 -28.17 17.14
C PRO A 88 17.49 -27.57 18.56
N SER A 89 16.95 -26.36 18.70
CA SER A 89 16.85 -25.71 20.00
C SER A 89 15.39 -25.38 20.36
N SER A 90 14.52 -26.38 20.23
CA SER A 90 13.08 -26.19 20.51
C SER A 90 12.48 -27.36 21.30
N ARG A 91 11.29 -27.12 21.88
CA ARG A 91 10.57 -28.12 22.67
C ARG A 91 10.35 -29.41 21.89
N TYR A 92 9.86 -29.24 20.67
CA TYR A 92 9.41 -30.36 19.84
C TYR A 92 10.51 -30.92 18.94
N TYR A 93 11.77 -30.74 19.32
CA TYR A 93 12.87 -31.23 18.50
C TYR A 93 12.87 -32.75 18.46
N GLN A 94 12.61 -33.29 17.27
CA GLN A 94 12.54 -34.74 17.05
C GLN A 94 11.48 -35.37 17.97
N ASP A 95 10.29 -34.78 18.01
CA ASP A 95 9.23 -35.25 18.90
C ASP A 95 8.48 -36.44 18.30
N GLU A 96 8.16 -37.42 19.14
CA GLU A 96 7.53 -38.66 18.68
C GLU A 96 6.08 -38.45 18.26
N THR A 97 5.39 -37.54 18.92
CA THR A 97 3.96 -37.31 18.71
C THR A 97 3.71 -36.24 17.68
N VAL A 98 4.49 -35.16 17.71
CA VAL A 98 4.34 -34.07 16.76
C VAL A 98 4.67 -34.56 15.36
N VAL A 99 5.70 -35.42 15.26
CA VAL A 99 6.08 -36.01 13.98
C VAL A 99 5.01 -36.99 13.53
N ARG A 100 4.68 -37.94 14.41
CA ARG A 100 3.61 -38.89 14.15
C ARG A 100 2.34 -38.18 13.70
N THR A 101 1.98 -37.13 14.44
CA THR A 101 0.78 -36.35 14.15
C THR A 101 0.79 -35.93 12.70
N VAL A 102 1.91 -35.34 12.27
CA VAL A 102 2.06 -34.92 10.88
C VAL A 102 1.82 -36.10 9.93
N ARG A 103 2.68 -37.12 9.96
CA ARG A 103 2.51 -38.31 9.12
C ARG A 103 1.06 -38.81 9.09
N ASP A 104 0.46 -38.91 10.27
CA ASP A 104 -0.87 -39.51 10.42
C ASP A 104 -1.98 -38.63 9.88
N SER A 105 -1.83 -37.31 10.02
CA SER A 105 -2.82 -36.35 9.54
C SER A 105 -2.29 -35.58 8.32
N MET A 106 -1.22 -36.11 7.72
CA MET A 106 -0.77 -35.68 6.41
C MET A 106 -1.39 -36.66 5.42
N GLU A 107 -1.51 -37.91 5.83
CA GLU A 107 -2.11 -38.97 5.02
C GLU A 107 -3.62 -39.05 5.22
N TRP A 108 -4.06 -39.07 6.49
CA TRP A 108 -5.49 -39.17 6.80
C TRP A 108 -6.23 -38.05 6.08
N MET A 109 -5.56 -36.93 5.91
CA MET A 109 -6.08 -35.79 5.17
C MET A 109 -6.06 -36.08 3.67
N HIS A 110 -4.87 -36.38 3.13
CA HIS A 110 -4.70 -36.65 1.70
C HIS A 110 -5.83 -37.50 1.11
N LYS A 111 -6.11 -38.64 1.73
CA LYS A 111 -7.09 -39.60 1.22
C LYS A 111 -8.52 -39.05 1.24
N HIS A 112 -8.93 -38.52 2.38
CA HIS A 112 -10.32 -38.07 2.56
C HIS A 112 -10.61 -36.78 1.81
N VAL A 113 -9.98 -35.69 2.25
CA VAL A 113 -10.29 -34.35 1.75
C VAL A 113 -9.62 -33.96 0.42
N TYR A 114 -8.38 -34.40 0.21
CA TYR A 114 -7.47 -33.72 -0.74
C TYR A 114 -6.75 -34.60 -1.77
N ASN A 115 -7.38 -35.69 -2.24
CA ASN A 115 -6.85 -36.45 -3.37
C ASN A 115 -7.73 -36.33 -4.63
N SER A 116 -7.31 -36.92 -5.74
CA SER A 116 -7.71 -36.49 -7.09
C SER A 116 -9.21 -36.47 -7.39
N GLU A 117 -9.94 -37.49 -6.94
CA GLU A 117 -11.38 -37.61 -7.22
C GLU A 117 -12.18 -36.56 -6.43
N LYS A 118 -11.99 -35.30 -6.81
CA LYS A 118 -12.43 -34.14 -6.02
C LYS A 118 -12.66 -32.94 -6.96
N SER A 119 -12.95 -31.78 -6.36
CA SER A 119 -13.11 -30.54 -7.13
C SER A 119 -12.94 -29.29 -6.25
N ILE A 120 -12.72 -28.15 -6.90
CA ILE A 120 -12.70 -26.88 -6.21
C ILE A 120 -14.14 -26.45 -5.86
N VAL A 121 -14.39 -26.33 -4.57
CA VAL A 121 -15.53 -25.56 -4.06
C VAL A 121 -14.93 -24.42 -3.25
N GLY A 122 -15.77 -23.47 -2.82
CA GLY A 122 -15.31 -22.37 -1.99
C GLY A 122 -14.31 -21.44 -2.66
N ASN A 123 -13.03 -21.79 -2.59
CA ASN A 123 -11.95 -20.97 -3.14
C ASN A 123 -10.82 -21.83 -3.72
N TRP A 124 -10.70 -21.80 -5.05
CA TRP A 124 -9.52 -22.31 -5.78
C TRP A 124 -8.19 -21.97 -5.09
N TRP A 125 -8.00 -20.68 -4.78
CA TRP A 125 -6.76 -20.16 -4.21
C TRP A 125 -6.20 -21.05 -3.11
N ASP A 126 -7.09 -21.73 -2.39
CA ASP A 126 -6.68 -22.74 -1.41
C ASP A 126 -6.15 -24.00 -2.11
N TYR A 127 -7.03 -24.75 -2.78
CA TYR A 127 -6.63 -25.98 -3.50
C TYR A 127 -5.37 -25.81 -4.38
N GLU A 128 -5.12 -24.58 -4.78
CA GLU A 128 -4.17 -24.24 -5.83
C GLU A 128 -2.90 -23.55 -5.36
N ILE A 129 -3.04 -22.63 -4.41
CA ILE A 129 -1.94 -21.74 -4.01
C ILE A 129 -1.63 -21.87 -2.53
N GLY A 130 -2.26 -21.07 -1.68
CA GLY A 130 -1.99 -21.07 -0.24
C GLY A 130 -1.80 -22.43 0.41
N THR A 131 -2.50 -23.44 -0.11
CA THR A 131 -2.50 -24.78 0.49
C THR A 131 -1.32 -25.65 0.05
N PRO A 132 -1.12 -25.86 -1.25
CA PRO A 132 0.09 -26.55 -1.75
C PRO A 132 1.43 -26.04 -1.20
N ARG A 133 1.63 -24.72 -1.13
CA ARG A 133 2.87 -24.18 -0.58
C ARG A 133 3.09 -24.60 0.88
N ALA A 134 1.98 -24.81 1.60
CA ALA A 134 2.04 -25.34 2.97
C ALA A 134 2.34 -26.84 3.01
N ILE A 135 1.98 -27.57 1.95
CA ILE A 135 2.37 -28.97 1.80
C ILE A 135 3.87 -28.97 1.45
N ASN A 136 4.19 -28.41 0.28
CA ASN A 136 5.56 -28.09 -0.12
C ASN A 136 6.49 -27.70 1.04
N ASN A 137 6.04 -26.82 1.92
CA ASN A 137 6.87 -26.29 3.01
C ASN A 137 7.06 -27.30 4.15
N THR A 138 6.01 -28.08 4.42
CA THR A 138 6.07 -29.13 5.43
C THR A 138 7.11 -30.16 5.04
N LEU A 139 6.85 -30.85 3.93
CA LEU A 139 7.68 -31.96 3.47
C LEU A 139 9.12 -31.57 3.19
N SER A 140 9.34 -30.29 2.83
CA SER A 140 10.68 -29.79 2.57
C SER A 140 11.51 -29.77 3.84
N LEU A 141 10.96 -29.17 4.90
CA LEU A 141 11.64 -29.12 6.20
C LEU A 141 11.76 -30.49 6.85
N MET A 142 10.97 -31.45 6.36
CA MET A 142 10.95 -32.80 6.89
C MET A 142 11.01 -33.83 5.76
N LYS A 143 11.90 -33.63 4.80
CA LYS A 143 12.17 -34.65 3.77
C LYS A 143 13.00 -35.80 4.36
N GLU A 144 13.40 -35.63 5.63
CA GLU A 144 14.12 -36.64 6.37
C GLU A 144 13.14 -37.49 7.20
N TYR A 145 12.01 -36.91 7.62
CA TYR A 145 10.93 -37.69 8.25
C TYR A 145 9.92 -38.16 7.19
N PHE A 146 10.38 -38.33 5.95
CA PHE A 146 9.52 -38.70 4.83
C PHE A 146 10.38 -39.33 3.73
N SER A 147 9.90 -40.44 3.15
CA SER A 147 10.61 -41.11 2.07
C SER A 147 10.46 -40.32 0.76
N ASP A 148 11.05 -40.83 -0.31
CA ASP A 148 10.88 -40.23 -1.63
C ASP A 148 9.46 -40.42 -2.14
N GLU A 149 8.98 -41.66 -2.17
CA GLU A 149 7.65 -41.96 -2.72
C GLU A 149 6.52 -41.43 -1.82
N GLU A 150 6.82 -41.19 -0.54
CA GLU A 150 5.87 -40.51 0.33
C GLU A 150 5.68 -39.10 -0.18
N ILE A 151 6.79 -38.37 -0.34
CA ILE A 151 6.78 -37.03 -0.90
C ILE A 151 6.04 -36.99 -2.25
N LYS A 152 6.11 -38.08 -3.01
CA LYS A 152 5.43 -38.19 -4.30
C LYS A 152 3.91 -38.28 -4.15
N LYS A 153 3.46 -39.10 -3.21
CA LYS A 153 2.03 -39.35 -2.99
C LYS A 153 1.23 -38.07 -2.71
N TYR A 154 1.84 -37.14 -1.99
CA TYR A 154 1.14 -35.94 -1.51
C TYR A 154 1.27 -34.75 -2.45
N THR A 155 2.37 -34.67 -3.19
CA THR A 155 2.57 -33.61 -4.18
C THR A 155 1.87 -33.94 -5.50
N ASP A 156 1.29 -35.14 -5.59
CA ASP A 156 0.44 -35.53 -6.72
C ASP A 156 -0.68 -34.52 -6.94
N VAL A 157 -1.45 -34.27 -5.89
CA VAL A 157 -2.54 -33.29 -5.91
C VAL A 157 -2.16 -31.98 -6.60
N ILE A 158 -0.92 -31.53 -6.39
CA ILE A 158 -0.44 -30.30 -7.00
C ILE A 158 -0.62 -30.33 -8.52
N GLU A 159 0.01 -31.29 -9.19
CA GLU A 159 -0.08 -31.40 -10.65
C GLU A 159 -1.52 -31.51 -11.17
N LYS A 160 -2.42 -32.09 -10.38
CA LYS A 160 -3.82 -32.20 -10.76
C LYS A 160 -4.50 -30.82 -10.86
N PHE A 161 -4.17 -29.93 -9.93
CA PHE A 161 -4.74 -28.57 -9.89
C PHE A 161 -3.92 -27.51 -10.63
N VAL A 162 -2.63 -27.77 -10.83
CA VAL A 162 -1.73 -26.81 -11.47
C VAL A 162 -0.72 -27.52 -12.41
N PRO A 163 -1.22 -28.13 -13.48
CA PRO A 163 -0.36 -28.84 -14.45
C PRO A 163 0.26 -27.93 -15.53
N ASP A 164 0.30 -26.62 -15.31
CA ASP A 164 0.70 -25.69 -16.36
C ASP A 164 1.06 -24.33 -15.74
N PRO A 165 2.35 -24.02 -15.64
CA PRO A 165 2.80 -22.74 -15.05
C PRO A 165 2.59 -21.49 -15.92
N GLU A 166 1.72 -21.56 -16.92
CA GLU A 166 1.27 -20.39 -17.66
C GLU A 166 0.03 -19.80 -16.99
N HIS A 167 -0.91 -20.68 -16.61
CA HIS A 167 -2.23 -20.29 -16.14
C HIS A 167 -2.47 -20.67 -14.68
N PHE A 168 -3.64 -20.26 -14.19
CA PHE A 168 -4.18 -20.67 -12.88
C PHE A 168 -5.68 -20.96 -13.06
N ARG A 169 -6.33 -21.39 -11.99
CA ARG A 169 -7.76 -21.75 -12.00
C ARG A 169 -8.10 -22.73 -13.14
N LYS A 170 -7.19 -23.68 -13.40
CA LYS A 170 -7.21 -24.49 -14.62
C LYS A 170 -8.41 -25.44 -14.75
N THR A 171 -8.56 -26.36 -13.80
CA THR A 171 -9.58 -27.41 -13.91
C THR A 171 -11.02 -26.86 -13.93
N THR A 172 -11.18 -25.65 -13.38
CA THR A 172 -12.44 -24.92 -13.48
C THR A 172 -12.59 -24.33 -14.88
N ASP A 173 -13.72 -23.66 -15.12
CA ASP A 173 -14.19 -23.45 -16.49
C ASP A 173 -14.17 -21.99 -16.98
N ASN A 174 -13.20 -21.22 -16.50
CA ASN A 174 -12.77 -19.97 -17.13
C ASN A 174 -11.42 -19.50 -16.60
N PRO A 175 -10.43 -20.41 -16.58
CA PRO A 175 -9.11 -20.19 -15.98
C PRO A 175 -8.64 -18.73 -15.79
N PHE A 176 -7.46 -18.39 -16.31
CA PHE A 176 -6.89 -17.03 -16.36
C PHE A 176 -5.36 -17.15 -16.33
N LYS A 177 -4.68 -16.07 -16.69
CA LYS A 177 -3.22 -16.10 -16.78
C LYS A 177 -2.59 -15.57 -15.49
N ALA A 178 -1.68 -16.35 -14.92
CA ALA A 178 -0.93 -15.93 -13.74
C ALA A 178 -0.16 -14.67 -14.10
N LEU A 179 -0.51 -13.55 -13.47
CA LEU A 179 0.07 -12.25 -13.80
C LEU A 179 0.28 -11.37 -12.56
N GLY A 180 1.39 -10.64 -12.55
CA GLY A 180 1.75 -9.79 -11.43
C GLY A 180 2.34 -10.59 -10.29
N GLY A 181 2.00 -10.22 -9.06
CA GLY A 181 2.44 -10.95 -7.88
C GLY A 181 1.79 -12.32 -7.75
N ASN A 182 0.71 -12.54 -8.51
CA ASN A 182 0.04 -13.83 -8.54
C ASN A 182 0.88 -14.87 -9.27
N LEU A 183 1.63 -14.42 -10.27
CA LEU A 183 2.60 -15.24 -10.99
C LEU A 183 3.78 -15.68 -10.11
N VAL A 184 4.05 -14.95 -9.04
CA VAL A 184 5.10 -15.31 -8.08
C VAL A 184 4.78 -16.62 -7.35
N ASP A 185 3.50 -16.84 -7.05
CA ASP A 185 3.06 -18.04 -6.34
C ASP A 185 2.92 -19.26 -7.27
N MET A 186 3.14 -19.07 -8.56
CA MET A 186 3.44 -20.18 -9.45
C MET A 186 4.84 -20.68 -9.13
N GLY A 187 5.70 -19.73 -8.73
CA GLY A 187 7.04 -20.01 -8.24
C GLY A 187 7.09 -21.04 -7.13
N ARG A 188 6.71 -20.66 -5.92
CA ARG A 188 6.80 -21.59 -4.78
C ARG A 188 6.01 -22.88 -5.01
N VAL A 189 4.82 -22.76 -5.58
CA VAL A 189 3.91 -23.90 -5.68
C VAL A 189 4.40 -24.98 -6.65
N LYS A 190 5.21 -24.62 -7.64
CA LYS A 190 5.69 -25.57 -8.63
C LYS A 190 7.20 -25.79 -8.59
N VAL A 191 7.98 -24.72 -8.45
CA VAL A 191 9.43 -24.85 -8.23
C VAL A 191 9.71 -25.81 -7.09
N ILE A 192 9.25 -25.47 -5.89
CA ILE A 192 9.53 -26.30 -4.71
C ILE A 192 8.88 -27.68 -4.91
N ALA A 193 7.65 -27.71 -5.41
CA ALA A 193 6.94 -28.96 -5.63
C ALA A 193 7.68 -29.89 -6.60
N GLY A 194 8.37 -29.31 -7.59
CA GLY A 194 9.14 -30.07 -8.55
C GLY A 194 10.38 -30.65 -7.89
N LEU A 195 11.28 -29.78 -7.45
CA LEU A 195 12.44 -30.15 -6.64
C LEU A 195 12.16 -31.33 -5.70
N LEU A 196 10.98 -31.34 -5.07
CA LEU A 196 10.56 -32.46 -4.23
C LEU A 196 10.38 -33.72 -5.07
N ARG A 197 9.59 -33.58 -6.16
CA ARG A 197 9.32 -34.69 -7.07
C ARG A 197 10.41 -34.91 -8.11
N LYS A 198 11.53 -34.23 -7.96
CA LYS A 198 12.57 -34.20 -9.00
C LYS A 198 12.00 -34.36 -10.42
N ASP A 199 10.93 -33.63 -10.71
CA ASP A 199 10.27 -33.65 -12.01
C ASP A 199 10.86 -32.49 -12.80
N ASP A 200 12.10 -32.68 -13.27
CA ASP A 200 12.96 -31.55 -13.66
C ASP A 200 12.34 -30.54 -14.65
N GLN A 201 11.36 -30.97 -15.45
CA GLN A 201 10.60 -30.07 -16.32
C GLN A 201 9.87 -29.03 -15.47
N GLU A 202 9.11 -29.55 -14.51
CA GLU A 202 8.42 -28.64 -13.59
C GLU A 202 9.26 -27.43 -13.17
N ILE A 203 10.58 -27.57 -13.08
CA ILE A 203 11.46 -26.48 -12.68
C ILE A 203 11.84 -25.54 -13.84
N SER A 204 12.23 -26.10 -14.98
CA SER A 204 12.56 -25.29 -16.17
C SER A 204 11.30 -24.65 -16.74
N SER A 205 10.33 -25.49 -17.08
CA SER A 205 9.00 -25.05 -17.51
C SER A 205 8.46 -23.84 -16.73
N THR A 206 8.63 -23.89 -15.41
CA THR A 206 8.09 -22.86 -14.53
C THR A 206 8.82 -21.55 -14.67
N ILE A 207 10.13 -21.60 -14.42
CA ILE A 207 10.92 -20.37 -14.29
C ILE A 207 10.90 -19.57 -15.60
N ARG A 208 10.69 -20.26 -16.73
CA ARG A 208 10.39 -19.62 -18.02
C ARG A 208 9.24 -18.63 -17.89
N SER A 209 8.16 -19.06 -17.23
CA SER A 209 7.00 -18.20 -16.95
C SER A 209 7.23 -17.21 -15.80
N ILE A 210 8.17 -17.51 -14.90
CA ILE A 210 8.55 -16.57 -13.83
C ILE A 210 9.42 -15.43 -14.39
N GLU A 211 9.94 -15.60 -15.61
CA GLU A 211 10.66 -14.53 -16.30
C GLU A 211 9.67 -13.49 -16.86
N GLN A 212 8.41 -13.90 -17.04
CA GLN A 212 7.37 -13.05 -17.61
C GLN A 212 7.02 -11.83 -16.74
N VAL A 213 7.30 -11.91 -15.45
CA VAL A 213 6.96 -10.83 -14.50
C VAL A 213 7.95 -9.65 -14.54
N PHE A 214 9.13 -9.87 -15.10
CA PHE A 214 10.15 -8.83 -15.18
C PHE A 214 9.92 -7.83 -16.31
N LYS A 215 8.89 -8.06 -17.12
CA LYS A 215 8.52 -7.14 -18.20
C LYS A 215 7.59 -6.04 -17.67
N LEU A 216 7.99 -4.78 -17.85
CA LEU A 216 7.11 -3.64 -17.58
C LEU A 216 6.10 -3.53 -18.71
N VAL A 217 5.05 -2.73 -18.50
CA VAL A 217 3.98 -2.63 -19.49
C VAL A 217 3.40 -1.22 -19.66
N ASP A 218 2.55 -1.07 -20.68
CA ASP A 218 1.86 0.18 -21.00
C ASP A 218 0.34 -0.03 -21.06
N GLN A 219 -0.14 -1.15 -20.53
CA GLN A 219 -1.53 -1.59 -20.64
C GLN A 219 -1.65 -2.99 -20.03
N GLY A 220 -2.54 -3.13 -19.05
CA GLY A 220 -2.74 -4.41 -18.38
C GLY A 220 -2.26 -4.39 -16.95
N GLU A 221 -1.87 -5.55 -16.44
CA GLU A 221 -1.46 -5.71 -15.05
C GLU A 221 0.05 -5.59 -14.95
N GLY A 222 0.60 -5.84 -13.77
CA GLY A 222 2.03 -5.71 -13.53
C GLY A 222 2.47 -4.26 -13.39
N PHE A 223 3.78 -4.07 -13.24
CA PHE A 223 4.34 -2.73 -13.01
C PHE A 223 4.26 -1.87 -14.26
N TYR A 224 4.61 -0.59 -14.11
CA TYR A 224 4.58 0.37 -15.21
C TYR A 224 5.88 1.15 -15.29
N GLN A 225 6.03 1.90 -16.38
CA GLN A 225 7.18 2.78 -16.57
C GLN A 225 7.29 3.83 -15.46
N ASP A 226 6.17 4.49 -15.14
CA ASP A 226 6.14 5.57 -14.15
C ASP A 226 6.22 5.13 -12.68
N GLY A 227 6.31 3.82 -12.45
CA GLY A 227 6.35 3.26 -11.10
C GLY A 227 5.00 2.72 -10.65
N SER A 228 3.96 2.99 -11.44
CA SER A 228 2.62 2.50 -11.17
C SER A 228 2.59 0.98 -11.14
N TYR A 229 1.77 0.43 -10.26
CA TYR A 229 1.47 -1.00 -10.29
C TYR A 229 -0.04 -1.21 -10.35
N ILE A 230 -0.51 -1.72 -11.48
CA ILE A 230 -1.88 -2.18 -11.62
C ILE A 230 -1.89 -3.70 -11.45
N ASP A 231 -3.00 -4.21 -10.92
CA ASP A 231 -3.26 -5.64 -10.80
C ASP A 231 -4.70 -5.81 -10.33
N HIS A 232 -5.36 -6.87 -10.81
CA HIS A 232 -6.79 -7.08 -10.61
C HIS A 232 -7.55 -6.07 -11.45
N THR A 233 -7.34 -6.17 -12.76
CA THR A 233 -8.05 -5.34 -13.75
C THR A 233 -7.52 -3.91 -13.77
N ASN A 234 -7.67 -3.19 -12.67
CA ASN A 234 -7.30 -1.78 -12.62
C ASN A 234 -7.23 -1.22 -11.19
N VAL A 235 -6.48 -1.89 -10.32
CA VAL A 235 -6.48 -1.50 -8.90
C VAL A 235 -5.10 -1.17 -8.34
N ALA A 236 -4.95 0.06 -7.82
CA ALA A 236 -3.71 0.49 -7.18
C ALA A 236 -3.25 -0.53 -6.16
N TYR A 237 -2.13 -1.19 -6.46
CA TYR A 237 -1.68 -2.31 -5.65
C TYR A 237 -0.16 -2.41 -5.51
N THR A 238 0.57 -1.30 -5.66
CA THR A 238 2.02 -1.34 -5.52
C THR A 238 2.44 -1.90 -4.16
N GLY A 239 1.56 -1.78 -3.17
CA GLY A 239 1.87 -2.19 -1.81
C GLY A 239 0.91 -3.18 -1.18
N ALA A 240 0.33 -4.06 -1.99
CA ALA A 240 -0.52 -5.15 -1.51
C ALA A 240 -0.21 -6.43 -2.28
N TYR A 241 -0.31 -6.36 -3.59
CA TYR A 241 0.13 -7.45 -4.46
C TYR A 241 1.63 -7.34 -4.64
N GLY A 242 2.12 -6.12 -4.88
CA GLY A 242 3.53 -5.83 -4.87
C GLY A 242 4.28 -6.37 -3.65
N ASN A 243 3.60 -6.49 -2.51
CA ASN A 243 4.15 -7.18 -1.36
C ASN A 243 4.31 -8.66 -1.67
N VAL A 244 3.22 -9.29 -2.07
CA VAL A 244 3.23 -10.69 -2.49
C VAL A 244 4.26 -10.98 -3.59
N LEU A 245 4.54 -9.99 -4.44
CA LEU A 245 5.50 -10.15 -5.53
C LEU A 245 6.94 -10.08 -5.01
N ILE A 246 7.38 -8.90 -4.58
CA ILE A 246 8.76 -8.68 -4.13
C ILE A 246 9.20 -9.65 -3.02
N ASP A 247 8.27 -9.98 -2.14
CA ASP A 247 8.57 -10.82 -0.98
C ASP A 247 8.61 -12.29 -1.36
N GLY A 248 7.84 -12.65 -2.40
CA GLY A 248 7.87 -14.00 -2.95
C GLY A 248 9.09 -14.27 -3.80
N LEU A 249 9.43 -13.33 -4.68
CA LEU A 249 10.56 -13.47 -5.60
C LEU A 249 11.90 -13.26 -4.90
N SER A 250 11.86 -12.68 -3.71
CA SER A 250 13.05 -12.52 -2.89
C SER A 250 13.42 -13.80 -2.14
N GLN A 251 12.70 -14.89 -2.44
CA GLN A 251 12.97 -16.21 -1.86
C GLN A 251 13.28 -17.22 -2.95
N LEU A 252 12.57 -17.14 -4.06
CA LEU A 252 12.77 -18.03 -5.19
C LEU A 252 14.17 -17.90 -5.79
N LEU A 253 14.68 -16.67 -5.85
CA LEU A 253 15.91 -16.39 -6.60
C LEU A 253 17.19 -17.08 -6.10
N PRO A 254 17.41 -17.15 -4.78
CA PRO A 254 18.52 -17.94 -4.24
C PRO A 254 18.48 -19.39 -4.73
N VAL A 255 17.28 -19.96 -4.78
CA VAL A 255 17.07 -21.28 -5.35
C VAL A 255 17.24 -21.22 -6.87
N ILE A 256 16.21 -20.73 -7.56
CA ILE A 256 16.20 -20.49 -9.01
C ILE A 256 17.55 -20.24 -9.70
N GLN A 257 18.44 -19.46 -9.08
CA GLN A 257 19.71 -19.08 -9.72
C GLN A 257 20.81 -20.13 -9.59
N LYS A 258 20.74 -20.94 -8.54
CA LYS A 258 21.65 -22.07 -8.38
C LYS A 258 21.24 -23.26 -9.26
N THR A 259 19.99 -23.26 -9.73
CA THR A 259 19.46 -24.37 -10.52
C THR A 259 20.14 -24.52 -11.87
N LYS A 260 19.83 -25.60 -12.58
CA LYS A 260 20.40 -25.89 -13.88
C LYS A 260 19.80 -25.02 -15.00
N ASN A 261 18.72 -24.29 -14.70
CA ASN A 261 18.10 -23.38 -15.66
C ASN A 261 17.90 -21.98 -15.06
N PRO A 262 19.00 -21.30 -14.73
CA PRO A 262 18.90 -20.02 -14.02
C PRO A 262 18.61 -18.86 -14.95
N ILE A 263 17.85 -17.88 -14.45
CA ILE A 263 17.45 -16.70 -15.23
C ILE A 263 18.67 -15.86 -15.58
N ASP A 264 18.66 -15.31 -16.80
CA ASP A 264 19.75 -14.46 -17.27
C ASP A 264 19.78 -13.19 -16.44
N LYS A 265 20.98 -12.74 -16.08
CA LYS A 265 21.15 -11.57 -15.20
C LYS A 265 20.68 -10.25 -15.85
N ASP A 266 20.13 -10.34 -17.06
CA ASP A 266 19.49 -9.20 -17.73
C ASP A 266 18.25 -8.71 -16.96
N LYS A 267 17.31 -9.62 -16.74
CA LYS A 267 15.99 -9.28 -16.19
C LYS A 267 15.99 -9.03 -14.69
N MET A 268 17.13 -9.22 -14.04
CA MET A 268 17.31 -8.90 -12.62
C MET A 268 17.49 -7.38 -12.40
N GLN A 269 17.27 -6.59 -13.45
CA GLN A 269 17.42 -5.12 -13.39
C GLN A 269 16.08 -4.45 -13.16
N THR A 270 15.02 -5.03 -13.72
CA THR A 270 13.66 -4.56 -13.46
C THR A 270 13.30 -4.74 -11.98
N MET A 271 14.16 -5.44 -11.24
CA MET A 271 14.03 -5.56 -9.79
C MET A 271 14.24 -4.21 -9.12
N TYR A 272 15.36 -3.55 -9.42
CA TYR A 272 15.72 -2.30 -8.77
C TYR A 272 14.90 -1.11 -9.28
N HIS A 273 14.27 -1.27 -10.44
CA HIS A 273 13.33 -0.29 -10.98
C HIS A 273 12.02 -0.37 -10.20
N TRP A 274 11.64 -1.58 -9.80
CA TRP A 274 10.53 -1.76 -8.88
C TRP A 274 10.89 -1.11 -7.56
N ILE A 275 12.07 -1.46 -7.03
CA ILE A 275 12.49 -0.95 -5.73
C ILE A 275 12.35 0.56 -5.66
N ASP A 276 12.91 1.27 -6.65
CA ASP A 276 13.08 2.71 -6.53
C ASP A 276 11.94 3.51 -7.15
N LYS A 277 11.57 3.18 -8.37
CA LYS A 277 10.46 3.87 -9.03
C LYS A 277 9.08 3.50 -8.44
N SER A 278 8.90 2.25 -8.03
CA SER A 278 7.58 1.76 -7.58
C SER A 278 7.37 1.69 -6.06
N PHE A 279 8.37 1.23 -5.30
CA PHE A 279 8.18 0.87 -3.89
C PHE A 279 8.71 1.92 -2.91
N ALA A 280 9.95 2.31 -3.10
CA ALA A 280 10.65 3.27 -2.23
C ALA A 280 9.86 4.55 -1.96
N PRO A 281 9.16 5.09 -2.97
CA PRO A 281 8.39 6.34 -2.78
C PRO A 281 7.18 6.20 -1.88
N LEU A 282 6.58 5.02 -1.82
CA LEU A 282 5.42 4.78 -0.97
C LEU A 282 5.81 4.49 0.48
N LEU A 283 7.11 4.49 0.78
CA LEU A 283 7.60 4.31 2.14
C LEU A 283 7.82 5.67 2.81
N VAL A 284 7.45 5.79 4.08
CA VAL A 284 7.73 6.99 4.88
C VAL A 284 7.85 6.65 6.37
N ASN A 285 9.05 6.82 6.91
CA ASN A 285 9.35 6.52 8.31
C ASN A 285 8.86 5.12 8.70
N GLY A 286 8.87 4.20 7.74
CA GLY A 286 8.47 2.82 7.96
C GLY A 286 7.00 2.47 7.78
N GLU A 287 6.28 3.26 6.98
CA GLU A 287 4.89 2.94 6.60
C GLU A 287 4.78 2.87 5.10
N LEU A 288 4.09 1.84 4.61
CA LEU A 288 3.72 1.77 3.21
C LEU A 288 2.37 2.45 3.10
N MET A 289 2.23 3.37 2.16
CA MET A 289 1.04 4.21 2.06
C MET A 289 -0.20 3.37 1.84
N ASP A 290 -1.23 3.64 2.63
CA ASP A 290 -2.46 2.83 2.64
C ASP A 290 -3.22 2.86 1.32
N MET A 291 -2.95 3.84 0.46
CA MET A 291 -3.59 3.93 -0.85
C MET A 291 -3.07 2.88 -1.82
N SER A 292 -1.78 2.58 -1.74
CA SER A 292 -1.16 1.52 -2.52
C SER A 292 -1.61 0.13 -2.07
N ARG A 293 -2.14 0.05 -0.85
CA ARG A 293 -2.55 -1.23 -0.27
C ARG A 293 -3.93 -1.70 -0.74
N GLY A 294 -4.74 -0.78 -1.24
CA GLY A 294 -6.08 -1.12 -1.72
C GLY A 294 -6.98 -1.68 -0.62
N ARG A 295 -7.26 -2.99 -0.69
CA ARG A 295 -8.20 -3.64 0.22
C ARG A 295 -7.54 -4.20 1.48
N SER A 296 -6.23 -4.40 1.44
CA SER A 296 -5.48 -4.91 2.58
C SER A 296 -5.62 -4.04 3.83
N ILE A 297 -5.88 -2.74 3.65
CA ILE A 297 -6.11 -1.80 4.76
C ILE A 297 -7.19 -2.21 5.76
N SER A 298 -8.00 -3.21 5.40
CA SER A 298 -9.13 -3.63 6.21
C SER A 298 -8.82 -4.78 7.17
N ARG A 299 -7.54 -5.02 7.45
CA ARG A 299 -7.12 -6.12 8.32
C ARG A 299 -6.22 -5.62 9.44
N ALA A 300 -6.48 -6.08 10.67
CA ALA A 300 -5.73 -5.63 11.85
C ALA A 300 -4.29 -6.13 11.86
N ASN A 301 -4.08 -7.35 11.34
CA ASN A 301 -2.75 -7.94 11.23
C ASN A 301 -1.80 -7.19 10.27
N SER A 302 -2.36 -6.31 9.45
CA SER A 302 -1.64 -5.70 8.34
C SER A 302 -1.80 -4.17 8.32
N GLU A 303 -1.52 -3.53 9.45
CA GLU A 303 -1.60 -2.07 9.52
C GLU A 303 -0.48 -1.43 8.69
N GLY A 304 -0.51 -0.10 8.57
CA GLY A 304 0.40 0.61 7.68
C GLY A 304 1.86 0.25 7.88
N HIS A 305 2.29 0.21 9.14
CA HIS A 305 3.70 0.00 9.47
C HIS A 305 4.17 -1.45 9.33
N VAL A 306 3.25 -2.41 9.46
CA VAL A 306 3.61 -3.82 9.44
C VAL A 306 3.83 -4.33 8.03
N ALA A 307 2.89 -4.06 7.13
CA ALA A 307 3.00 -4.47 5.72
C ALA A 307 4.13 -3.75 4.98
N ALA A 308 4.69 -2.71 5.59
CA ALA A 308 5.88 -2.03 5.08
C ALA A 308 7.12 -2.90 5.25
N VAL A 309 7.13 -3.71 6.30
CA VAL A 309 8.20 -4.68 6.51
C VAL A 309 8.09 -5.84 5.51
N GLU A 310 6.87 -6.13 5.04
CA GLU A 310 6.67 -7.17 4.01
C GLU A 310 7.35 -6.82 2.69
N VAL A 311 7.78 -5.55 2.54
CA VAL A 311 8.61 -5.13 1.42
C VAL A 311 10.05 -4.86 1.86
N LEU A 312 10.26 -4.40 3.09
CA LEU A 312 11.62 -4.08 3.56
C LEU A 312 12.49 -5.32 3.74
N ARG A 313 11.86 -6.49 3.86
CA ARG A 313 12.58 -7.76 3.81
C ARG A 313 12.85 -8.15 2.36
N GLY A 314 11.83 -8.08 1.52
CA GLY A 314 11.96 -8.36 0.10
C GLY A 314 12.99 -7.48 -0.60
N ILE A 315 13.19 -6.28 -0.06
CA ILE A 315 14.22 -5.39 -0.56
C ILE A 315 15.58 -5.93 -0.14
N HIS A 316 15.70 -6.33 1.13
CA HIS A 316 16.99 -6.79 1.63
C HIS A 316 17.44 -8.11 1.02
N ARG A 317 16.59 -9.13 1.04
CA ARG A 317 16.96 -10.41 0.44
C ARG A 317 17.59 -10.19 -0.94
N ILE A 318 17.04 -9.24 -1.70
CA ILE A 318 17.57 -8.88 -3.01
C ILE A 318 18.99 -8.31 -2.88
N ALA A 319 19.20 -7.42 -1.92
CA ALA A 319 20.52 -6.86 -1.64
C ALA A 319 21.58 -7.93 -1.38
N ASP A 320 21.28 -8.89 -0.50
CA ASP A 320 22.21 -9.95 -0.13
C ASP A 320 22.74 -10.68 -1.36
N MET A 321 21.83 -11.06 -2.26
CA MET A 321 22.19 -11.78 -3.50
C MET A 321 22.54 -10.84 -4.67
N SER A 322 23.25 -9.74 -4.35
CA SER A 322 23.67 -8.76 -5.35
C SER A 322 25.19 -8.58 -5.25
N GLU A 323 25.74 -7.65 -6.03
CA GLU A 323 27.18 -7.44 -6.07
C GLU A 323 27.57 -5.95 -6.09
N GLY A 324 28.46 -5.57 -5.15
CA GLY A 324 29.12 -4.27 -5.21
C GLY A 324 28.30 -3.12 -4.66
N GLU A 325 28.15 -2.07 -5.48
CA GLU A 325 27.38 -0.89 -5.09
C GLU A 325 25.91 -1.24 -4.97
N THR A 326 25.46 -2.13 -5.86
CA THR A 326 24.05 -2.53 -5.84
C THR A 326 23.69 -3.14 -4.48
N LYS A 327 24.60 -3.92 -3.89
CA LYS A 327 24.34 -4.47 -2.56
C LYS A 327 24.32 -3.35 -1.52
N GLN A 328 25.45 -2.66 -1.35
CA GLN A 328 25.63 -1.69 -0.26
C GLN A 328 24.62 -0.54 -0.26
N ARG A 329 24.14 -0.12 -1.43
CA ARG A 329 23.22 1.00 -1.52
C ARG A 329 21.78 0.55 -1.24
N LEU A 330 21.37 -0.57 -1.82
CA LEU A 330 20.07 -1.16 -1.49
C LEU A 330 20.08 -1.65 -0.04
N GLN A 331 21.27 -1.69 0.54
CA GLN A 331 21.46 -1.99 1.96
C GLN A 331 21.18 -0.75 2.79
N SER A 332 21.71 0.40 2.35
CA SER A 332 21.50 1.67 3.02
C SER A 332 20.04 2.10 2.91
N LEU A 333 19.49 1.95 1.71
CA LEU A 333 18.05 2.12 1.44
C LEU A 333 17.23 1.55 2.60
N VAL A 334 17.46 0.28 2.92
CA VAL A 334 16.71 -0.41 3.97
C VAL A 334 17.05 0.14 5.36
N LYS A 335 18.32 0.02 5.74
CA LYS A 335 18.79 0.35 7.09
C LYS A 335 18.42 1.77 7.53
N THR A 336 18.52 2.72 6.60
CA THR A 336 18.17 4.11 6.89
C THR A 336 16.67 4.30 7.05
N ILE A 337 15.87 3.60 6.23
CA ILE A 337 14.42 3.66 6.32
C ILE A 337 13.91 3.12 7.66
N VAL A 338 14.51 2.01 8.11
CA VAL A 338 14.11 1.37 9.36
C VAL A 338 14.62 2.19 10.55
N GLN A 339 15.69 2.94 10.33
CA GLN A 339 16.23 3.84 11.34
C GLN A 339 15.31 5.04 11.55
N SER A 340 14.59 5.43 10.50
CA SER A 340 13.68 6.58 10.55
C SER A 340 12.30 6.18 11.07
N ASP A 341 12.08 4.89 11.30
CA ASP A 341 10.83 4.40 11.86
C ASP A 341 10.95 4.25 13.38
N SER A 342 10.40 5.23 14.10
CA SER A 342 10.53 5.32 15.55
C SER A 342 9.33 4.73 16.32
N TYR A 343 8.33 4.26 15.58
CA TYR A 343 7.08 3.79 16.18
C TYR A 343 7.01 2.27 16.23
N TYR A 344 7.57 1.60 15.22
CA TYR A 344 7.45 0.15 15.08
C TYR A 344 8.80 -0.55 15.20
N ASP A 345 8.88 -1.54 16.08
CA ASP A 345 10.05 -2.41 16.15
C ASP A 345 9.97 -3.34 14.95
N VAL A 346 10.88 -3.15 13.99
CA VAL A 346 10.85 -3.86 12.70
C VAL A 346 10.80 -5.38 12.84
N PHE A 347 11.39 -5.91 13.91
CA PHE A 347 11.55 -7.35 14.09
C PHE A 347 10.22 -8.09 14.35
N LYS A 348 9.13 -7.35 14.50
CA LYS A 348 7.81 -7.94 14.75
C LYS A 348 7.10 -8.45 13.49
N ASN A 349 7.71 -8.26 12.32
CA ASN A 349 7.20 -8.87 11.10
C ASN A 349 8.28 -9.65 10.34
N LEU A 350 9.26 -10.15 11.09
CA LEU A 350 10.29 -11.05 10.56
C LEU A 350 10.04 -12.44 11.12
N LYS A 351 9.43 -13.30 10.30
CA LYS A 351 8.96 -14.61 10.74
C LYS A 351 9.82 -15.75 10.19
N THR A 352 11.14 -15.54 10.23
CA THR A 352 12.14 -16.50 9.74
C THR A 352 13.54 -15.96 10.07
N TYR A 353 14.39 -16.80 10.65
CA TYR A 353 15.64 -16.35 11.29
C TYR A 353 16.69 -15.82 10.32
N LYS A 354 16.69 -16.29 9.08
CA LYS A 354 17.61 -15.77 8.07
C LYS A 354 17.45 -14.25 7.97
N ASP A 355 16.21 -13.79 7.97
CA ASP A 355 15.88 -12.38 7.85
C ASP A 355 16.25 -11.61 9.13
N ILE A 356 16.12 -12.25 10.27
CA ILE A 356 16.50 -11.64 11.54
C ILE A 356 18.01 -11.47 11.59
N SER A 357 18.73 -12.57 11.47
CA SER A 357 20.20 -12.56 11.30
C SER A 357 20.69 -11.47 10.35
N LEU A 358 20.00 -11.34 9.22
CA LEU A 358 20.34 -10.36 8.19
C LEU A 358 20.10 -8.94 8.68
N MET A 359 18.98 -8.74 9.36
CA MET A 359 18.57 -7.41 9.81
C MET A 359 19.47 -6.90 10.92
N GLN A 360 19.64 -7.69 11.98
CA GLN A 360 20.61 -7.41 13.05
C GLN A 360 22.01 -7.15 12.52
N SER A 361 22.33 -7.71 11.36
CA SER A 361 23.63 -7.46 10.72
C SER A 361 23.74 -5.98 10.34
N LEU A 362 22.78 -5.48 9.56
CA LEU A 362 22.76 -4.06 9.16
C LEU A 362 22.95 -3.12 10.31
N LEU A 363 22.07 -3.25 11.29
CA LEU A 363 22.01 -2.30 12.40
C LEU A 363 23.31 -2.32 13.20
N SER A 364 23.97 -3.47 13.20
CA SER A 364 25.33 -3.61 13.76
C SER A 364 26.39 -2.99 12.84
N ASP A 365 26.37 -3.37 11.57
CA ASP A 365 27.39 -3.03 10.58
C ASP A 365 27.44 -1.52 10.32
N ALA A 366 28.42 -0.85 10.93
CA ALA A 366 28.62 0.59 10.72
C ALA A 366 29.35 0.93 9.41
N GLY A 367 29.69 -0.11 8.64
CA GLY A 367 30.26 0.04 7.31
C GLY A 367 29.23 0.46 6.27
N VAL A 368 27.97 0.09 6.48
CA VAL A 368 26.87 0.59 5.66
C VAL A 368 26.49 1.96 6.21
N ALA A 369 26.80 3.00 5.43
CA ALA A 369 26.46 4.36 5.81
C ALA A 369 24.95 4.55 5.81
N SER A 370 24.45 5.25 6.81
CA SER A 370 23.07 5.73 6.80
C SER A 370 23.00 6.87 5.80
N VAL A 371 21.81 7.15 5.27
CA VAL A 371 21.63 8.28 4.37
C VAL A 371 20.21 8.82 4.46
N PRO A 372 20.05 10.05 4.93
CA PRO A 372 18.77 10.74 4.82
C PRO A 372 18.21 10.71 3.39
N ARG A 373 16.90 10.82 3.28
CA ARG A 373 16.25 10.82 1.99
C ARG A 373 16.04 12.26 1.54
N THR A 374 16.30 12.52 0.27
CA THR A 374 16.00 13.81 -0.33
C THR A 374 14.50 13.94 -0.53
N SER A 375 14.02 15.19 -0.65
CA SER A 375 12.64 15.45 -1.02
C SER A 375 12.35 14.75 -2.35
N TYR A 376 11.13 14.27 -2.51
CA TYR A 376 10.74 13.60 -3.75
C TYR A 376 9.24 13.65 -4.01
N LEU A 377 8.88 13.64 -5.29
CA LEU A 377 7.48 13.61 -5.70
C LEU A 377 7.31 12.63 -6.86
N SER A 378 6.46 11.62 -6.66
CA SER A 378 6.25 10.59 -7.66
C SER A 378 4.79 10.59 -8.13
N ALA A 379 4.57 11.00 -9.37
CA ALA A 379 3.22 11.13 -9.92
C ALA A 379 2.79 9.85 -10.65
N PHE A 380 2.32 8.86 -9.89
CA PHE A 380 1.95 7.56 -10.46
C PHE A 380 0.63 7.62 -11.23
N ASN A 381 0.64 8.24 -12.40
CA ASN A 381 -0.58 8.54 -13.13
C ASN A 381 -1.28 7.32 -13.70
N LYS A 382 -0.50 6.33 -14.14
CA LYS A 382 -1.08 5.09 -14.65
C LYS A 382 -1.86 4.30 -13.59
N MET A 383 -1.84 4.75 -12.34
CA MET A 383 -2.69 4.19 -11.28
C MET A 383 -3.40 5.24 -10.39
N ASP A 384 -3.19 6.53 -10.71
CA ASP A 384 -3.93 7.65 -10.12
C ASP A 384 -3.61 8.04 -8.69
N LYS A 385 -2.48 7.58 -8.17
CA LYS A 385 -2.03 8.00 -6.85
C LYS A 385 -0.84 8.94 -7.00
N THR A 386 -0.75 9.95 -6.15
CA THR A 386 0.44 10.80 -6.11
C THR A 386 1.14 10.71 -4.77
N ALA A 387 2.46 10.81 -4.79
CA ALA A 387 3.28 10.63 -3.58
C ALA A 387 4.11 11.87 -3.34
N MET A 388 4.30 12.23 -2.07
CA MET A 388 5.09 13.42 -1.73
C MET A 388 5.69 13.32 -0.35
N TYR A 389 6.99 13.63 -0.25
CA TYR A 389 7.66 13.76 1.03
C TYR A 389 8.52 15.01 1.03
N ASN A 390 8.34 15.85 2.04
CA ASN A 390 9.26 16.96 2.31
C ASN A 390 10.39 16.51 3.23
N ALA A 391 11.62 16.79 2.82
CA ALA A 391 12.81 16.47 3.63
C ALA A 391 13.03 17.51 4.73
N GLU A 392 12.97 18.78 4.33
CA GLU A 392 13.18 19.90 5.25
C GLU A 392 12.19 19.91 6.43
N LYS A 393 10.93 19.57 6.17
CA LYS A 393 9.87 19.63 7.19
C LYS A 393 9.41 18.26 7.70
N GLY A 394 9.88 17.19 7.07
CA GLY A 394 9.61 15.83 7.52
C GLY A 394 8.17 15.35 7.41
N PHE A 395 7.40 15.83 6.44
CA PHE A 395 6.01 15.40 6.29
C PHE A 395 5.74 14.70 4.96
N GLY A 396 4.79 13.78 4.97
CA GLY A 396 4.39 13.07 3.76
C GLY A 396 3.03 13.50 3.25
N PHE A 397 2.73 13.12 2.01
CA PHE A 397 1.44 13.46 1.43
C PHE A 397 1.11 12.55 0.26
N GLY A 398 -0.08 11.98 0.31
CA GLY A 398 -0.56 11.09 -0.73
C GLY A 398 -1.95 11.47 -1.17
N LEU A 399 -2.24 11.28 -2.44
CA LEU A 399 -3.50 11.75 -3.01
C LEU A 399 -4.22 10.65 -3.78
N SER A 400 -4.99 9.85 -3.05
CA SER A 400 -5.74 8.75 -3.65
C SER A 400 -6.90 9.24 -4.53
N LEU A 401 -6.71 9.15 -5.84
CA LEU A 401 -7.74 9.47 -6.80
C LEU A 401 -8.12 8.20 -7.54
N PHE A 402 -8.98 8.36 -8.54
CA PHE A 402 -9.17 7.35 -9.58
C PHE A 402 -9.77 8.00 -10.82
N SER A 403 -9.60 7.34 -11.97
CA SER A 403 -9.95 7.89 -13.26
C SER A 403 -10.97 6.97 -13.96
N SER A 404 -11.12 7.07 -15.27
CA SER A 404 -11.90 6.10 -16.03
C SER A 404 -11.06 4.87 -16.39
N ARG A 405 -9.81 4.87 -15.94
CA ARG A 405 -8.85 3.80 -16.22
C ARG A 405 -8.59 2.94 -14.97
N THR A 406 -8.89 3.47 -13.79
CA THR A 406 -8.62 2.78 -12.52
C THR A 406 -9.82 2.79 -11.57
N LEU A 407 -9.85 1.81 -10.67
CA LEU A 407 -10.99 1.56 -9.78
C LEU A 407 -10.86 2.33 -8.48
N ASN A 408 -11.99 2.80 -7.95
CA ASN A 408 -12.01 3.57 -6.71
C ASN A 408 -11.66 2.76 -5.46
N TYR A 409 -12.11 1.51 -5.39
CA TYR A 409 -11.82 0.64 -4.24
C TYR A 409 -12.21 -0.82 -4.52
N GLU A 410 -11.38 -1.76 -4.08
CA GLU A 410 -11.67 -3.18 -4.25
C GLU A 410 -12.40 -3.76 -3.06
N HIS A 411 -13.39 -4.62 -3.35
CA HIS A 411 -14.19 -5.29 -2.35
C HIS A 411 -14.31 -6.78 -2.73
N MET A 412 -13.26 -7.53 -2.37
CA MET A 412 -13.16 -8.96 -2.67
C MET A 412 -13.41 -9.76 -1.39
N ASN A 413 -13.66 -11.06 -1.53
CA ASN A 413 -13.76 -11.99 -0.39
C ASN A 413 -14.42 -11.39 0.86
N LYS A 414 -15.46 -10.57 0.66
CA LYS A 414 -16.08 -9.80 1.75
C LYS A 414 -15.04 -9.07 2.62
N GLU A 415 -14.14 -8.37 1.93
CA GLU A 415 -13.08 -7.58 2.55
C GLU A 415 -13.09 -6.16 2.01
N ASN A 416 -13.06 -5.19 2.90
CA ASN A 416 -13.10 -3.76 2.55
C ASN A 416 -14.49 -3.32 2.03
N LYS A 417 -15.43 -3.16 2.96
CA LYS A 417 -16.83 -2.90 2.67
C LYS A 417 -17.26 -1.46 2.90
N ARG A 418 -16.35 -0.62 3.41
CA ARG A 418 -16.66 0.79 3.68
C ARG A 418 -15.60 1.77 3.16
N GLY A 419 -14.79 1.33 2.19
CA GLY A 419 -13.80 2.19 1.58
C GLY A 419 -14.31 2.86 0.32
N TRP A 420 -15.59 3.25 0.35
CA TRP A 420 -16.27 3.77 -0.85
C TRP A 420 -15.53 4.99 -1.40
N TYR A 421 -15.35 5.99 -0.54
CA TYR A 421 -14.77 7.27 -0.95
C TYR A 421 -13.27 7.40 -0.62
N THR A 422 -12.57 6.28 -0.45
CA THR A 422 -11.13 6.34 -0.17
C THR A 422 -10.28 6.64 -1.42
N SER A 423 -10.94 6.72 -2.58
CA SER A 423 -10.31 7.18 -3.81
C SER A 423 -11.07 8.34 -4.48
N ASP A 424 -12.13 8.83 -3.83
CA ASP A 424 -12.95 9.91 -4.37
C ASP A 424 -12.33 11.27 -4.02
N GLY A 425 -11.07 11.45 -4.40
CA GLY A 425 -10.28 12.61 -4.01
C GLY A 425 -9.65 12.54 -2.64
N MET A 426 -9.57 11.34 -2.05
CA MET A 426 -9.02 11.19 -0.69
C MET A 426 -7.55 11.61 -0.63
N PHE A 427 -7.14 12.11 0.52
CA PHE A 427 -5.76 12.49 0.75
C PHE A 427 -5.26 11.99 2.10
N TYR A 428 -3.95 11.79 2.21
CA TYR A 428 -3.31 11.39 3.47
C TYR A 428 -2.19 12.35 3.80
N LEU A 429 -2.23 12.95 4.99
CA LEU A 429 -1.06 13.65 5.54
C LEU A 429 -0.28 12.65 6.40
N TYR A 430 1.04 12.78 6.42
CA TYR A 430 1.90 11.95 7.27
C TYR A 430 2.82 12.82 8.11
N ASN A 431 2.35 13.22 9.29
CA ASN A 431 3.17 14.05 10.19
C ASN A 431 3.94 13.19 11.20
N GLY A 432 4.29 13.75 12.35
CA GLY A 432 5.09 13.07 13.37
C GLY A 432 4.32 12.04 14.18
N ASP A 433 2.99 12.07 14.07
CA ASP A 433 2.15 10.98 14.52
C ASP A 433 2.30 9.83 13.53
N LEU A 434 3.23 8.93 13.83
CA LEU A 434 3.45 7.75 12.98
C LEU A 434 2.32 6.74 13.18
N SER A 435 1.71 6.75 14.36
CA SER A 435 0.59 5.87 14.68
C SER A 435 -0.72 6.26 14.02
N HIS A 436 -0.71 7.33 13.22
CA HIS A 436 -1.96 7.97 12.79
C HIS A 436 -2.93 7.03 12.10
N TYR A 437 -2.49 6.42 11.00
CA TYR A 437 -3.37 5.53 10.21
C TYR A 437 -3.32 4.10 10.73
N SER A 438 -2.96 3.96 12.00
CA SER A 438 -2.76 2.69 12.67
C SER A 438 -3.45 2.69 14.05
N ASP A 439 -3.13 1.72 14.89
CA ASP A 439 -3.81 1.48 16.17
C ASP A 439 -5.34 1.43 16.04
N GLY A 440 -5.83 0.88 14.92
CA GLY A 440 -7.25 0.80 14.65
C GLY A 440 -7.82 2.09 14.11
N TYR A 441 -7.18 2.66 13.10
CA TYR A 441 -7.67 3.89 12.46
C TYR A 441 -8.82 3.56 11.51
N TRP A 442 -8.58 2.60 10.62
CA TRP A 442 -9.54 2.22 9.58
C TRP A 442 -10.93 1.83 10.08
N PRO A 443 -11.03 0.96 11.09
CA PRO A 443 -12.32 0.64 11.68
C PRO A 443 -13.00 1.82 12.38
N THR A 444 -12.26 2.65 13.10
CA THR A 444 -12.86 3.69 13.94
C THR A 444 -13.12 5.03 13.25
N VAL A 445 -12.74 5.15 11.98
CA VAL A 445 -12.87 6.42 11.27
C VAL A 445 -14.17 6.47 10.46
N ASN A 446 -14.75 7.68 10.35
CA ASN A 446 -15.97 7.87 9.58
C ASN A 446 -15.69 7.59 8.11
N PRO A 447 -16.37 6.59 7.54
CA PRO A 447 -16.21 6.29 6.11
C PRO A 447 -16.89 7.34 5.24
N TYR A 448 -17.94 7.95 5.76
CA TYR A 448 -18.73 8.96 5.04
C TYR A 448 -17.97 10.27 4.91
N LYS A 449 -17.47 10.78 6.03
CA LYS A 449 -16.67 11.99 6.06
C LYS A 449 -15.19 11.62 5.95
N MET A 450 -14.74 11.28 4.75
CA MET A 450 -13.34 10.89 4.52
C MET A 450 -12.56 12.10 4.04
N PRO A 451 -11.38 12.33 4.63
CA PRO A 451 -10.56 13.52 4.33
C PRO A 451 -10.42 13.84 2.86
N GLY A 452 -10.48 15.12 2.50
CA GLY A 452 -10.27 15.56 1.14
C GLY A 452 -11.44 15.44 0.19
N THR A 453 -12.42 14.60 0.49
CA THR A 453 -13.49 14.26 -0.46
C THR A 453 -14.69 15.19 -0.37
N THR A 454 -15.34 15.40 -1.51
CA THR A 454 -16.66 16.03 -1.54
C THR A 454 -17.68 14.91 -1.69
N GLU A 455 -18.64 14.87 -0.78
CA GLU A 455 -19.67 13.84 -0.80
C GLU A 455 -21.00 14.35 -0.25
N THR A 456 -22.09 13.90 -0.84
CA THR A 456 -23.42 14.15 -0.29
C THR A 456 -23.57 13.26 0.93
N ASP A 457 -24.77 13.19 1.51
CA ASP A 457 -24.99 12.31 2.65
C ASP A 457 -26.22 11.41 2.43
N ALA A 458 -26.15 10.63 1.37
CA ALA A 458 -27.02 9.47 1.20
C ALA A 458 -26.35 8.32 1.95
N LYS A 459 -26.99 7.16 1.98
CA LYS A 459 -26.45 6.00 2.69
C LYS A 459 -25.97 4.93 1.72
N ARG A 460 -24.76 4.42 1.99
CA ARG A 460 -24.18 3.31 1.23
C ARG A 460 -24.46 2.00 1.95
N ALA A 461 -24.53 0.92 1.18
CA ALA A 461 -24.58 -0.42 1.74
C ALA A 461 -23.16 -0.98 1.85
N ASP A 462 -23.03 -2.16 2.46
CA ASP A 462 -21.75 -2.85 2.52
C ASP A 462 -21.59 -3.84 1.36
N SER A 463 -22.67 -4.05 0.61
CA SER A 463 -22.67 -4.95 -0.54
C SER A 463 -22.23 -4.29 -1.85
N ASP A 464 -21.89 -2.99 -1.80
CA ASP A 464 -21.54 -2.23 -3.01
C ASP A 464 -20.19 -2.65 -3.59
N THR A 465 -19.94 -2.22 -4.83
CA THR A 465 -18.77 -2.65 -5.60
C THR A 465 -17.98 -1.45 -6.10
N GLY A 466 -16.68 -1.65 -6.30
CA GLY A 466 -15.82 -0.62 -6.87
C GLY A 466 -16.22 -0.31 -8.31
N LYS A 467 -16.33 0.99 -8.62
CA LYS A 467 -16.60 1.46 -9.97
C LYS A 467 -15.43 2.27 -10.51
N VAL A 468 -15.58 2.78 -11.73
CA VAL A 468 -14.65 3.75 -12.31
C VAL A 468 -15.42 5.03 -12.63
N LEU A 469 -14.68 6.10 -12.94
CA LEU A 469 -15.27 7.39 -13.29
C LEU A 469 -15.83 7.35 -14.72
N PRO A 470 -16.75 8.26 -15.06
CA PRO A 470 -17.14 8.46 -16.46
C PRO A 470 -16.25 9.50 -17.17
N SER A 471 -15.38 10.15 -16.41
CA SER A 471 -14.45 11.16 -16.92
C SER A 471 -13.02 10.62 -16.90
N ALA A 472 -12.19 11.06 -17.85
CA ALA A 472 -10.79 10.66 -17.91
C ALA A 472 -9.82 11.79 -17.52
N PHE A 473 -10.35 12.98 -17.26
CA PHE A 473 -9.53 14.15 -16.95
C PHE A 473 -9.03 14.12 -15.49
N VAL A 474 -7.96 13.35 -15.27
CA VAL A 474 -7.41 13.12 -13.96
C VAL A 474 -5.91 12.89 -14.07
N GLY A 475 -5.15 13.43 -13.12
CA GLY A 475 -3.72 13.20 -13.07
C GLY A 475 -2.89 14.46 -12.91
N THR A 476 -1.58 14.29 -12.97
CA THR A 476 -0.63 15.24 -12.41
C THR A 476 0.50 15.63 -13.38
N SER A 477 0.81 16.92 -13.40
CA SER A 477 2.02 17.42 -14.05
C SER A 477 3.08 17.60 -12.97
N LYS A 478 4.31 17.20 -13.28
CA LYS A 478 5.39 17.17 -12.29
C LYS A 478 6.52 18.10 -12.72
N LEU A 479 6.90 19.04 -11.85
CA LEU A 479 7.94 20.03 -12.16
C LEU A 479 9.26 19.69 -11.48
N ASP A 480 9.22 19.38 -10.20
CA ASP A 480 10.40 18.91 -9.48
C ASP A 480 10.02 18.12 -8.23
N ASP A 481 11.03 17.71 -7.47
CA ASP A 481 10.82 16.93 -6.25
C ASP A 481 9.87 17.57 -5.22
N ALA A 482 9.48 18.83 -5.44
CA ALA A 482 8.66 19.56 -4.50
C ALA A 482 7.59 20.49 -5.12
N ASN A 483 7.18 20.26 -6.36
CA ASN A 483 6.18 21.11 -7.01
C ASN A 483 5.40 20.40 -8.12
N ALA A 484 4.15 20.04 -7.85
CA ALA A 484 3.28 19.46 -8.86
C ALA A 484 1.83 19.91 -8.70
N THR A 485 0.96 19.43 -9.59
CA THR A 485 -0.47 19.77 -9.57
C THR A 485 -1.33 18.62 -10.06
N ALA A 486 -2.31 18.20 -9.27
CA ALA A 486 -3.29 17.21 -9.70
C ALA A 486 -4.63 17.83 -10.06
N THR A 487 -5.47 17.04 -10.70
CA THR A 487 -6.84 17.44 -11.01
C THR A 487 -7.78 16.25 -11.01
N MET A 488 -9.07 16.52 -10.89
CA MET A 488 -10.10 15.49 -10.93
C MET A 488 -11.42 16.06 -11.40
N ASP A 489 -11.92 15.55 -12.52
CA ASP A 489 -13.21 15.96 -13.04
C ASP A 489 -14.26 15.03 -12.45
N PHE A 490 -14.60 15.32 -11.20
CA PHE A 490 -15.42 14.45 -10.37
C PHE A 490 -16.86 14.25 -10.90
N THR A 491 -17.28 12.99 -10.92
CA THR A 491 -18.68 12.61 -10.81
C THR A 491 -18.71 11.47 -9.79
N ASN A 492 -19.59 11.55 -8.81
CA ASN A 492 -19.52 10.63 -7.68
C ASN A 492 -20.36 9.37 -7.82
N TRP A 493 -20.02 8.39 -7.00
CA TRP A 493 -20.83 7.20 -6.70
C TRP A 493 -22.19 7.06 -7.42
N ASN A 494 -23.11 8.02 -7.27
CA ASN A 494 -24.45 7.87 -7.87
C ASN A 494 -24.91 8.95 -8.87
N GLN A 495 -23.98 9.79 -9.33
CA GLN A 495 -24.23 10.80 -10.37
C GLN A 495 -25.13 11.93 -9.88
N THR A 496 -24.92 12.36 -8.64
CA THR A 496 -25.63 13.50 -8.07
C THR A 496 -24.73 14.72 -7.93
N LEU A 497 -23.44 14.52 -7.81
CA LEU A 497 -22.50 15.58 -7.47
C LEU A 497 -21.30 15.58 -8.42
N THR A 498 -21.16 16.68 -9.18
CA THR A 498 -20.02 16.83 -10.10
C THR A 498 -19.28 18.15 -9.82
N ALA A 499 -18.09 18.03 -9.24
CA ALA A 499 -17.26 19.18 -8.91
C ALA A 499 -15.86 19.02 -9.48
N HIS A 500 -15.28 20.13 -9.93
CA HIS A 500 -13.86 20.17 -10.25
C HIS A 500 -13.09 20.18 -8.94
N LYS A 501 -12.11 19.28 -8.82
CA LYS A 501 -11.26 19.22 -7.65
C LYS A 501 -9.81 19.21 -8.10
N SER A 502 -9.04 20.17 -7.62
CA SER A 502 -7.66 20.34 -8.05
C SER A 502 -6.75 20.64 -6.88
N TRP A 503 -5.63 19.92 -6.84
CA TRP A 503 -4.67 20.01 -5.75
C TRP A 503 -3.37 20.62 -6.26
N PHE A 504 -2.68 21.37 -5.39
CA PHE A 504 -1.47 22.08 -5.76
C PHE A 504 -0.41 21.90 -4.69
N MET A 505 0.48 20.92 -4.89
CA MET A 505 1.53 20.66 -3.91
C MET A 505 2.74 21.54 -4.22
N LEU A 506 3.06 22.45 -3.29
CA LEU A 506 4.12 23.43 -3.49
C LEU A 506 5.15 23.45 -2.35
N LYS A 507 5.91 22.37 -2.22
CA LYS A 507 6.99 22.23 -1.24
C LYS A 507 6.43 22.00 0.17
N ASP A 508 6.19 23.08 0.91
CA ASP A 508 5.79 23.00 2.32
C ASP A 508 4.33 23.39 2.51
N LYS A 509 3.47 22.92 1.61
CA LYS A 509 2.06 23.29 1.60
C LYS A 509 1.36 22.66 0.40
N ILE A 510 0.03 22.53 0.48
CA ILE A 510 -0.75 21.88 -0.58
C ILE A 510 -2.18 22.40 -0.64
N ALA A 511 -2.44 23.31 -1.59
CA ALA A 511 -3.77 23.91 -1.74
C ALA A 511 -4.80 22.97 -2.35
N PHE A 512 -5.98 22.95 -1.76
CA PHE A 512 -7.13 22.25 -2.33
C PHE A 512 -8.09 23.26 -2.92
N LEU A 513 -8.04 23.47 -4.23
CA LEU A 513 -9.09 24.24 -4.91
C LEU A 513 -10.22 23.30 -5.33
N GLY A 514 -11.31 23.89 -5.81
CA GLY A 514 -12.44 23.13 -6.31
C GLY A 514 -13.64 24.00 -6.64
N SER A 515 -14.08 23.95 -7.89
CA SER A 515 -15.14 24.84 -8.37
C SER A 515 -16.30 24.06 -8.97
N ASN A 516 -17.30 24.77 -9.49
CA ASN A 516 -18.40 24.16 -10.23
C ASN A 516 -19.20 23.12 -9.45
N ILE A 517 -19.14 23.18 -8.11
CA ILE A 517 -19.84 22.22 -7.26
C ILE A 517 -21.34 22.32 -7.54
N GLN A 518 -21.97 21.20 -7.87
CA GLN A 518 -23.37 21.18 -8.29
C GLN A 518 -24.06 19.91 -7.85
N ASN A 519 -25.05 20.03 -6.95
CA ASN A 519 -25.81 18.87 -6.49
C ASN A 519 -27.22 18.82 -7.08
N THR A 520 -27.53 17.72 -7.75
CA THR A 520 -28.88 17.45 -8.26
C THR A 520 -29.56 16.46 -7.32
N SER A 521 -29.56 16.77 -6.03
CA SER A 521 -29.98 15.82 -5.01
C SER A 521 -30.58 16.50 -3.78
N THR A 522 -31.43 15.75 -3.08
CA THR A 522 -32.07 16.23 -1.87
C THR A 522 -31.24 15.94 -0.63
N ASP A 523 -30.06 15.34 -0.82
CA ASP A 523 -29.09 15.14 0.26
C ASP A 523 -28.13 16.33 0.31
N THR A 524 -27.78 16.76 1.51
CA THR A 524 -26.84 17.88 1.70
C THR A 524 -25.40 17.50 1.32
N ALA A 525 -24.86 18.19 0.30
CA ALA A 525 -23.48 17.98 -0.13
C ALA A 525 -22.52 18.65 0.86
N ALA A 526 -21.30 18.13 0.96
CA ALA A 526 -20.36 18.57 1.98
C ALA A 526 -18.94 18.02 1.77
N THR A 527 -17.97 18.91 1.62
CA THR A 527 -16.56 18.50 1.58
C THR A 527 -16.03 18.36 3.00
N THR A 528 -15.11 17.41 3.19
CA THR A 528 -14.43 17.24 4.46
C THR A 528 -13.03 17.81 4.34
N ILE A 529 -12.77 18.86 5.09
CA ILE A 529 -11.45 19.48 5.11
C ILE A 529 -10.41 18.53 5.72
N ASP A 530 -10.80 17.78 6.75
CA ASP A 530 -9.90 16.85 7.44
C ASP A 530 -10.61 15.96 8.47
N GLN A 531 -10.02 14.79 8.75
CA GLN A 531 -10.45 13.94 9.87
C GLN A 531 -9.21 13.29 10.49
N ARG A 532 -8.58 14.02 11.40
CA ARG A 532 -7.36 13.56 12.05
C ARG A 532 -7.70 12.70 13.26
N LYS A 533 -7.02 11.56 13.39
CA LYS A 533 -7.03 10.83 14.64
C LYS A 533 -6.14 11.58 15.62
N LEU A 534 -6.46 11.44 16.89
CA LEU A 534 -5.79 12.16 17.95
C LEU A 534 -5.22 11.15 18.93
N GLU A 535 -3.90 11.12 19.08
CA GLU A 535 -3.30 10.38 20.17
C GLU A 535 -3.62 11.10 21.46
N SER A 536 -4.09 10.36 22.46
CA SER A 536 -4.59 10.96 23.70
C SER A 536 -3.48 11.61 24.51
N SER A 537 -2.33 10.91 24.64
CA SER A 537 -1.25 11.43 25.49
C SER A 537 -0.50 12.61 24.88
N ASN A 538 -0.97 13.10 23.72
CA ASN A 538 -0.53 14.39 23.17
C ASN A 538 -1.71 15.09 22.49
N PRO A 539 -2.43 15.96 23.21
CA PRO A 539 -3.69 16.55 22.73
C PRO A 539 -3.49 17.85 21.96
N TYR A 540 -4.37 18.12 21.01
CA TYR A 540 -4.33 19.33 20.20
C TYR A 540 -4.93 20.54 20.93
N LYS A 541 -4.47 21.72 20.55
CA LYS A 541 -5.04 22.99 20.99
C LYS A 541 -5.51 23.72 19.74
N VAL A 542 -6.82 23.70 19.51
CA VAL A 542 -7.39 24.17 18.25
C VAL A 542 -7.58 25.69 18.29
N TYR A 543 -6.85 26.40 17.45
CA TYR A 543 -7.01 27.85 17.31
C TYR A 543 -7.87 28.22 16.09
N VAL A 544 -9.13 28.57 16.33
CA VAL A 544 -9.96 29.14 15.29
C VAL A 544 -9.63 30.60 15.09
N ASN A 545 -9.28 30.95 13.86
CA ASN A 545 -9.12 32.35 13.46
C ASN A 545 -8.17 33.10 14.41
N ASP A 546 -7.20 32.36 14.93
CA ASP A 546 -6.08 32.86 15.79
C ASP A 546 -6.30 32.81 17.31
N LYS A 547 -7.53 32.48 17.74
CA LYS A 547 -7.87 32.39 19.17
C LYS A 547 -8.24 30.94 19.47
N GLU A 548 -8.12 30.51 20.73
CA GLU A 548 -8.35 29.12 21.09
C GLU A 548 -9.84 28.76 21.10
N ALA A 549 -10.13 27.46 21.04
CA ALA A 549 -11.49 26.93 21.03
C ALA A 549 -11.61 25.73 21.96
N SER A 550 -12.81 25.18 22.07
CA SER A 550 -13.07 24.02 22.93
C SER A 550 -14.18 23.17 22.33
N LEU A 551 -13.80 22.03 21.76
CA LEU A 551 -14.70 21.23 20.92
C LEU A 551 -15.33 20.07 21.69
N THR A 552 -16.50 19.63 21.22
CA THR A 552 -17.21 18.50 21.79
C THR A 552 -17.78 17.65 20.65
N GLU A 553 -18.65 16.70 20.95
CA GLU A 553 -19.35 15.96 19.89
C GLU A 553 -20.29 16.88 19.10
N GLN A 554 -20.64 18.03 19.68
CA GLN A 554 -21.49 19.00 19.01
C GLN A 554 -20.80 19.68 17.83
N GLU A 555 -21.44 19.61 16.67
CA GLU A 555 -21.04 20.38 15.51
C GLU A 555 -21.11 21.86 15.87
N LYS A 556 -19.96 22.49 16.09
CA LYS A 556 -19.90 23.92 16.31
C LYS A 556 -19.92 24.62 14.96
N ASP A 557 -20.22 25.91 14.97
CA ASP A 557 -20.16 26.69 13.75
C ASP A 557 -19.10 27.77 13.84
N TYR A 558 -18.44 28.04 12.72
CA TYR A 558 -17.38 29.04 12.62
C TYR A 558 -17.41 29.69 11.23
N PRO A 559 -18.37 30.59 11.02
CA PRO A 559 -18.40 31.43 9.81
C PRO A 559 -17.52 32.64 10.02
N GLU A 560 -16.95 33.21 8.96
CA GLU A 560 -15.86 34.18 9.09
C GLU A 560 -14.67 33.45 9.73
N THR A 561 -13.96 32.69 8.90
CA THR A 561 -12.88 31.82 9.36
C THR A 561 -11.75 31.80 8.33
N GLN A 562 -10.87 32.78 8.44
CA GLN A 562 -9.58 32.80 7.75
C GLN A 562 -8.73 31.58 8.11
N SER A 563 -8.39 31.45 9.40
CA SER A 563 -7.41 30.47 9.87
C SER A 563 -8.05 29.33 10.67
N VAL A 564 -7.39 28.18 10.68
CA VAL A 564 -7.67 27.09 11.62
C VAL A 564 -6.36 26.35 11.86
N PHE A 565 -5.81 26.47 13.06
CA PHE A 565 -4.49 25.92 13.38
C PHE A 565 -4.58 24.89 14.50
N LEU A 566 -3.76 23.84 14.41
CA LEU A 566 -3.78 22.75 15.38
C LEU A 566 -2.42 22.67 16.08
N GLU A 567 -2.27 23.44 17.15
CA GLU A 567 -1.03 23.46 17.95
C GLU A 567 -0.84 22.13 18.69
N SER A 568 0.40 21.80 18.99
CA SER A 568 0.73 20.56 19.69
C SER A 568 2.04 20.64 20.51
N SER A 569 2.24 19.66 21.38
CA SER A 569 3.50 19.51 22.12
C SER A 569 4.67 19.34 21.14
N ASP A 570 4.48 18.45 20.17
CA ASP A 570 5.42 18.28 19.05
C ASP A 570 5.03 19.25 17.92
N SER A 571 5.98 20.07 17.51
CA SER A 571 5.75 21.04 16.43
C SER A 571 5.66 20.35 15.08
N LYS A 572 6.36 19.23 14.92
CA LYS A 572 6.23 18.37 13.73
C LYS A 572 4.91 17.55 13.69
N LYS A 573 3.93 17.93 14.51
CA LYS A 573 2.61 17.32 14.49
C LYS A 573 1.49 18.37 14.37
N ASN A 574 1.86 19.63 14.09
CA ASN A 574 0.88 20.69 13.88
C ASN A 574 0.29 20.57 12.50
N ILE A 575 -0.93 21.08 12.32
CA ILE A 575 -1.61 21.09 11.02
C ILE A 575 -2.44 22.37 10.91
N GLY A 576 -2.09 23.23 9.96
CA GLY A 576 -2.79 24.49 9.76
C GLY A 576 -3.67 24.47 8.52
N TYR A 577 -4.62 25.39 8.45
CA TYR A 577 -5.59 25.46 7.35
C TYR A 577 -5.92 26.90 7.02
N PHE A 578 -5.10 27.55 6.20
CA PHE A 578 -5.45 28.89 5.73
C PHE A 578 -6.50 28.82 4.63
N PHE A 579 -7.62 29.48 4.87
CA PHE A 579 -8.71 29.58 3.91
C PHE A 579 -8.58 30.92 3.20
N PHE A 580 -8.29 30.89 1.90
CA PHE A 580 -8.08 32.12 1.14
C PHE A 580 -9.26 33.05 1.33
N LYS A 581 -10.45 32.53 1.06
CA LYS A 581 -11.70 33.27 1.25
C LYS A 581 -12.39 32.82 2.55
N LYS A 582 -12.25 33.65 3.59
CA LYS A 582 -12.89 33.41 4.90
C LYS A 582 -14.17 32.62 4.72
N SER A 583 -14.15 31.33 5.06
CA SER A 583 -15.27 30.46 4.75
C SER A 583 -16.03 30.00 6.00
N SER A 584 -17.10 29.22 5.77
CA SER A 584 -17.99 28.79 6.82
C SER A 584 -17.89 27.29 7.05
N ILE A 585 -17.09 26.91 8.03
CA ILE A 585 -16.81 25.52 8.37
C ILE A 585 -17.52 25.09 9.65
N SER A 586 -17.46 23.81 9.95
CA SER A 586 -17.97 23.25 11.21
C SER A 586 -16.97 22.24 11.76
N MET A 587 -16.94 22.08 13.08
CA MET A 587 -15.87 21.33 13.74
C MET A 587 -16.34 20.55 14.95
N SER A 588 -15.67 19.42 15.22
CA SER A 588 -16.09 18.49 16.27
C SER A 588 -14.93 17.59 16.70
N LYS A 589 -15.16 16.79 17.73
CA LYS A 589 -14.12 15.92 18.29
C LYS A 589 -14.75 14.81 19.14
N ALA A 590 -15.14 13.72 18.48
CA ALA A 590 -15.92 12.65 19.10
C ALA A 590 -15.14 11.35 19.17
N LEU A 591 -15.41 10.56 20.22
CA LEU A 591 -14.87 9.22 20.32
C LEU A 591 -15.70 8.32 19.45
N GLN A 592 -15.05 7.83 18.41
CA GLN A 592 -15.71 6.95 17.46
C GLN A 592 -15.26 5.51 17.74
N LYS A 593 -16.23 4.62 17.89
CA LYS A 593 -15.95 3.20 18.12
C LYS A 593 -16.25 2.41 16.84
N GLY A 594 -15.89 1.12 16.84
CA GLY A 594 -16.06 0.28 15.67
C GLY A 594 -15.08 -0.88 15.65
N ALA A 595 -15.47 -1.96 14.96
CA ALA A 595 -14.64 -3.16 14.90
C ALA A 595 -14.16 -3.44 13.49
N TRP A 596 -13.08 -4.22 13.39
CA TRP A 596 -12.52 -4.63 12.10
C TRP A 596 -13.50 -5.51 11.31
N LYS A 597 -14.40 -6.19 12.03
CA LYS A 597 -15.39 -7.09 11.42
C LYS A 597 -16.40 -6.34 10.56
N ASP A 598 -16.62 -5.07 10.87
CA ASP A 598 -17.66 -4.27 10.22
C ASP A 598 -17.33 -4.01 8.75
N ILE A 599 -16.04 -3.81 8.48
CA ILE A 599 -15.55 -3.47 7.15
C ILE A 599 -14.78 -4.64 6.52
N ASN A 600 -14.78 -5.79 7.18
CA ASN A 600 -14.16 -7.02 6.67
C ASN A 600 -14.59 -8.19 7.56
N GLU A 601 -15.44 -9.04 7.01
CA GLU A 601 -16.18 -10.03 7.82
C GLU A 601 -15.32 -10.96 8.66
N GLY A 602 -14.14 -11.34 8.15
CA GLY A 602 -13.28 -12.30 8.84
C GLY A 602 -12.26 -11.67 9.77
N GLN A 603 -12.71 -10.74 10.62
CA GLN A 603 -11.84 -10.09 11.59
C GLN A 603 -12.50 -9.99 12.97
N SER A 604 -11.69 -9.72 13.99
CA SER A 604 -12.15 -9.63 15.37
C SER A 604 -13.24 -8.57 15.54
N ASP A 605 -14.36 -8.95 16.15
CA ASP A 605 -15.47 -8.02 16.40
C ASP A 605 -15.25 -7.16 17.66
N LYS A 606 -14.19 -7.46 18.40
CA LYS A 606 -13.79 -6.66 19.56
C LYS A 606 -13.86 -5.18 19.21
N GLU A 607 -14.79 -4.48 19.87
CA GLU A 607 -14.99 -3.06 19.60
C GLU A 607 -13.74 -2.27 19.99
N VAL A 608 -13.31 -1.39 19.09
CA VAL A 608 -12.07 -0.64 19.24
C VAL A 608 -12.37 0.85 19.16
N GLU A 609 -11.75 1.63 20.03
CA GLU A 609 -12.12 3.04 20.25
C GLU A 609 -10.95 3.98 20.00
N ASN A 610 -11.18 5.02 19.19
CA ASN A 610 -10.16 6.01 18.84
C ASN A 610 -10.76 7.40 18.56
N GLU A 611 -10.16 8.43 19.16
CA GLU A 611 -10.66 9.80 19.10
C GLU A 611 -10.32 10.51 17.78
N PHE A 612 -11.26 11.30 17.26
CA PHE A 612 -11.10 12.02 16.00
C PHE A 612 -11.57 13.47 16.10
N LEU A 613 -10.82 14.39 15.50
CA LEU A 613 -11.23 15.79 15.32
C LEU A 613 -11.52 16.01 13.84
N THR A 614 -12.74 16.46 13.53
CA THR A 614 -13.17 16.61 12.14
C THR A 614 -13.47 18.06 11.78
N ILE A 615 -13.16 18.41 10.53
CA ILE A 615 -13.42 19.74 9.98
C ILE A 615 -14.18 19.56 8.66
N SER A 616 -15.06 20.51 8.33
CA SER A 616 -15.96 20.34 7.18
C SER A 616 -16.47 21.65 6.57
N GLN A 617 -16.95 21.55 5.34
CA GLN A 617 -17.60 22.65 4.63
C GLN A 617 -18.86 22.10 3.98
N ALA A 618 -19.96 22.84 4.07
CA ALA A 618 -21.22 22.42 3.47
C ALA A 618 -21.56 23.32 2.28
N HIS A 619 -21.71 22.70 1.11
CA HIS A 619 -22.03 23.41 -0.12
C HIS A 619 -23.55 23.36 -0.37
N LYS A 620 -24.27 24.35 0.16
CA LYS A 620 -25.74 24.38 0.12
C LYS A 620 -26.26 24.74 -1.27
N GLN A 621 -25.73 25.83 -1.82
CA GLN A 621 -26.23 26.40 -3.07
C GLN A 621 -25.50 25.86 -4.29
N ASN A 622 -26.26 25.63 -5.37
CA ASN A 622 -25.74 25.00 -6.57
C ASN A 622 -24.85 25.94 -7.38
N GLY A 623 -23.54 25.80 -7.16
CA GLY A 623 -22.52 26.64 -7.75
C GLY A 623 -21.51 27.11 -6.72
N ASP A 624 -21.14 26.21 -5.81
CA ASP A 624 -20.34 26.56 -4.63
C ASP A 624 -18.87 26.34 -4.91
N SER A 625 -18.05 26.85 -4.00
CA SER A 625 -16.61 26.72 -4.11
C SER A 625 -15.99 26.28 -2.79
N TYR A 626 -14.77 25.78 -2.88
CA TYR A 626 -13.94 25.51 -1.72
C TYR A 626 -12.48 25.69 -2.11
N GLY A 627 -11.75 26.45 -1.31
CA GLY A 627 -10.39 26.85 -1.63
C GLY A 627 -9.63 27.19 -0.37
N TYR A 628 -8.72 26.30 0.01
CA TYR A 628 -7.95 26.46 1.24
C TYR A 628 -6.59 25.81 1.10
N MET A 629 -5.74 26.02 2.10
CA MET A 629 -4.33 25.62 2.01
C MET A 629 -3.89 24.94 3.30
N LEU A 630 -3.29 23.76 3.15
CA LEU A 630 -2.83 22.99 4.29
C LEU A 630 -1.34 23.17 4.47
N ILE A 631 -0.94 23.75 5.60
CA ILE A 631 0.47 23.93 5.95
C ILE A 631 0.75 23.13 7.21
N PRO A 632 1.40 21.97 7.08
CA PRO A 632 1.81 21.17 8.24
C PRO A 632 3.21 21.51 8.81
N ASN A 633 3.57 20.82 9.89
CA ASN A 633 4.91 20.85 10.48
C ASN A 633 5.45 22.26 10.69
N VAL A 634 4.53 23.19 10.82
CA VAL A 634 4.78 24.62 10.90
C VAL A 634 4.35 24.99 12.31
N ASP A 635 5.19 25.68 13.08
CA ASP A 635 4.74 26.08 14.40
C ASP A 635 3.73 27.21 14.28
N ARG A 636 2.98 27.46 15.34
CA ARG A 636 1.96 28.53 15.37
C ARG A 636 2.55 29.88 14.97
N ALA A 637 3.67 30.23 15.58
CA ALA A 637 4.35 31.51 15.33
C ALA A 637 4.59 31.74 13.84
N THR A 638 5.08 30.71 13.16
CA THR A 638 5.39 30.78 11.72
C THR A 638 4.15 30.74 10.84
N PHE A 639 3.16 29.96 11.24
CA PHE A 639 1.93 29.79 10.47
C PHE A 639 1.20 31.10 10.22
N ASN A 640 1.25 32.00 11.21
CA ASN A 640 0.59 33.30 11.12
C ASN A 640 1.30 34.25 10.16
N GLN A 641 2.63 34.15 10.10
CA GLN A 641 3.40 34.99 9.18
C GLN A 641 3.45 34.38 7.77
N MET A 642 2.89 33.18 7.64
CA MET A 642 2.81 32.49 6.36
C MET A 642 1.54 32.91 5.62
N ILE A 643 0.45 33.10 6.37
CA ILE A 643 -0.84 33.50 5.79
C ILE A 643 -0.87 34.94 5.31
N LYS A 644 -0.13 35.82 5.99
CA LYS A 644 0.07 37.19 5.52
C LYS A 644 1.03 37.20 4.32
N GLU A 645 1.93 36.22 4.27
CA GLU A 645 2.86 36.03 3.15
C GLU A 645 2.16 35.61 1.86
N LEU A 646 0.99 34.99 2.00
CA LEU A 646 0.25 34.44 0.87
C LEU A 646 -1.20 34.90 0.88
N GLU A 647 -1.41 36.18 1.18
CA GLU A 647 -2.75 36.75 1.23
C GLU A 647 -3.38 36.83 -0.18
N SER A 648 -2.56 37.11 -1.18
CA SER A 648 -3.02 37.30 -2.56
C SER A 648 -2.66 36.10 -3.44
N SER A 649 -2.37 34.97 -2.81
CA SER A 649 -1.84 33.79 -3.50
C SER A 649 -2.87 33.10 -4.37
N LEU A 650 -4.15 33.37 -4.15
CA LEU A 650 -5.19 32.81 -5.02
C LEU A 650 -5.25 33.57 -6.34
N ILE A 651 -4.76 32.94 -7.39
CA ILE A 651 -4.82 33.50 -8.75
C ILE A 651 -6.25 33.39 -9.26
N GLU A 652 -6.77 32.17 -9.28
CA GLU A 652 -8.15 31.92 -9.71
C GLU A 652 -8.69 30.60 -9.17
N ASN A 653 -10.01 30.57 -8.95
CA ASN A 653 -10.70 29.35 -8.52
C ASN A 653 -12.15 29.36 -9.01
N ASN A 654 -12.33 29.56 -10.31
CA ASN A 654 -13.65 29.53 -10.95
C ASN A 654 -13.90 28.27 -11.79
N GLU A 655 -15.00 28.25 -12.54
CA GLU A 655 -15.54 27.03 -13.15
C GLU A 655 -14.72 26.42 -14.31
N THR A 656 -13.78 27.17 -14.88
CA THR A 656 -12.89 26.66 -15.93
C THR A 656 -11.41 26.90 -15.65
N LEU A 657 -11.07 27.43 -14.49
CA LEU A 657 -9.68 27.73 -14.17
C LEU A 657 -9.43 27.79 -12.69
N GLN A 658 -8.38 27.10 -12.26
CA GLN A 658 -8.01 27.03 -10.86
C GLN A 658 -6.48 27.05 -10.78
N SER A 659 -5.95 27.94 -9.96
CA SER A 659 -4.51 28.11 -9.88
C SER A 659 -4.11 28.84 -8.62
N VAL A 660 -2.91 28.52 -8.12
CA VAL A 660 -2.28 29.29 -7.05
C VAL A 660 -0.96 29.84 -7.53
N TYR A 661 -0.49 30.87 -6.84
CA TYR A 661 0.86 31.40 -7.03
C TYR A 661 1.55 31.31 -5.68
N ASP A 662 2.74 30.73 -5.67
CA ASP A 662 3.61 30.71 -4.50
C ASP A 662 4.77 31.64 -4.81
N ALA A 663 4.63 32.90 -4.42
CA ALA A 663 5.58 33.95 -4.82
C ALA A 663 6.93 33.91 -4.10
N LYS A 664 7.03 33.10 -3.04
CA LYS A 664 8.32 32.87 -2.38
C LYS A 664 9.22 32.07 -3.34
N GLN A 665 8.72 30.93 -3.80
CA GLN A 665 9.40 30.12 -4.82
C GLN A 665 9.36 30.78 -6.19
N GLY A 666 8.26 31.46 -6.47
CA GLY A 666 7.89 31.80 -7.83
C GLY A 666 7.41 30.55 -8.55
N VAL A 667 6.22 30.06 -8.18
CA VAL A 667 5.67 28.86 -8.81
C VAL A 667 4.16 28.96 -8.94
N TRP A 668 3.67 28.99 -10.17
CA TRP A 668 2.25 28.84 -10.42
C TRP A 668 1.91 27.36 -10.51
N GLY A 669 0.81 26.97 -9.88
CA GLY A 669 0.19 25.69 -10.14
C GLY A 669 -1.09 26.00 -10.88
N ILE A 670 -1.37 25.33 -11.98
CA ILE A 670 -2.46 25.75 -12.86
C ILE A 670 -3.23 24.58 -13.46
N VAL A 671 -4.53 24.76 -13.65
CA VAL A 671 -5.40 23.70 -14.17
C VAL A 671 -6.56 24.28 -14.96
N LYS A 672 -6.49 24.22 -16.28
CA LYS A 672 -7.60 24.64 -17.14
C LYS A 672 -8.50 23.45 -17.42
N TYR A 673 -9.73 23.74 -17.86
CA TYR A 673 -10.64 22.72 -18.36
C TYR A 673 -10.96 22.96 -19.84
N ASP A 674 -11.17 24.22 -20.23
CA ASP A 674 -11.35 24.58 -21.65
C ASP A 674 -10.02 25.00 -22.30
N ASP A 675 -10.06 25.32 -23.60
CA ASP A 675 -8.86 25.57 -24.41
C ASP A 675 -8.56 27.06 -24.63
N SER A 676 -9.15 27.92 -23.79
CA SER A 676 -9.07 29.38 -23.96
C SER A 676 -7.70 29.94 -23.57
N VAL A 677 -7.56 31.25 -23.71
CA VAL A 677 -6.31 31.94 -23.45
C VAL A 677 -6.37 32.71 -22.13
N SER A 678 -6.08 32.02 -21.04
CA SER A 678 -6.12 32.61 -19.71
C SER A 678 -4.77 33.24 -19.37
N THR A 679 -4.78 34.56 -19.14
CA THR A 679 -3.56 35.30 -18.82
C THR A 679 -3.34 35.24 -17.32
N ILE A 680 -2.20 34.68 -16.90
CA ILE A 680 -1.94 34.47 -15.48
C ILE A 680 -0.90 35.42 -14.93
N SER A 681 -1.20 36.03 -13.79
CA SER A 681 -0.31 36.97 -13.11
C SER A 681 0.25 38.09 -13.99
N ASN A 682 -0.41 38.33 -15.14
CA ASN A 682 0.00 39.36 -16.09
C ASN A 682 1.36 39.10 -16.78
N GLN A 683 1.91 37.90 -16.62
CA GLN A 683 3.26 37.59 -17.09
C GLN A 683 3.26 36.73 -18.33
N PHE A 684 2.45 35.67 -18.32
CA PHE A 684 2.35 34.74 -19.44
C PHE A 684 0.89 34.39 -19.72
N GLN A 685 0.69 33.46 -20.65
CA GLN A 685 -0.62 32.83 -20.82
C GLN A 685 -0.48 31.32 -20.83
N VAL A 686 -1.63 30.65 -20.76
CA VAL A 686 -1.70 29.19 -20.90
C VAL A 686 -2.92 28.85 -21.76
N LEU A 687 -2.69 28.08 -22.82
CA LEU A 687 -3.57 28.12 -23.99
C LEU A 687 -4.33 26.82 -24.31
N LYS A 688 -4.23 25.82 -23.43
CA LYS A 688 -4.74 24.48 -23.73
C LYS A 688 -5.36 23.77 -22.52
N ARG A 689 -6.35 22.92 -22.80
CA ARG A 689 -6.97 22.04 -21.80
C ARG A 689 -5.91 21.14 -21.16
N GLY A 690 -5.91 21.06 -19.84
CA GLY A 690 -4.99 20.22 -19.11
C GLY A 690 -4.49 20.76 -17.79
N VAL A 691 -3.29 20.33 -17.40
CA VAL A 691 -2.69 20.69 -16.12
C VAL A 691 -1.28 21.21 -16.35
N TYR A 692 -0.89 22.22 -15.59
CA TYR A 692 0.42 22.85 -15.72
C TYR A 692 1.11 22.92 -14.37
N THR A 693 2.42 23.12 -14.42
CA THR A 693 3.22 23.46 -13.24
C THR A 693 4.46 24.20 -13.74
N ILE A 694 4.62 25.43 -13.25
CA ILE A 694 5.49 26.42 -13.89
C ILE A 694 6.28 27.19 -12.85
N ARG A 695 7.56 27.44 -13.13
CA ARG A 695 8.43 28.21 -12.24
C ARG A 695 9.19 29.29 -12.99
N LYS A 696 9.32 30.47 -12.38
CA LYS A 696 10.20 31.51 -12.87
C LYS A 696 11.51 31.46 -12.08
N GLU A 697 12.63 31.34 -12.79
CA GLU A 697 13.95 31.36 -12.17
C GLU A 697 14.94 32.07 -13.10
N GLY A 698 14.73 33.38 -13.25
CA GLY A 698 15.48 34.21 -14.17
C GLY A 698 14.55 35.16 -14.89
N ASP A 699 14.88 35.44 -16.13
CA ASP A 699 14.00 36.24 -16.97
C ASP A 699 13.15 35.35 -17.90
N GLU A 700 13.04 34.05 -17.54
CA GLU A 700 12.21 33.12 -18.32
C GLU A 700 11.57 31.99 -17.48
N TYR A 701 11.06 30.92 -18.13
CA TYR A 701 10.10 30.01 -17.50
C TYR A 701 10.38 28.52 -17.72
N LYS A 702 10.05 27.72 -16.70
CA LYS A 702 10.28 26.27 -16.68
C LYS A 702 8.92 25.58 -16.62
N ILE A 703 8.54 24.94 -17.72
CA ILE A 703 7.14 24.56 -17.93
C ILE A 703 6.91 23.05 -17.97
N ALA A 704 5.83 22.62 -17.33
CA ALA A 704 5.50 21.20 -17.25
C ALA A 704 3.99 21.01 -17.39
N TYR A 705 3.55 20.66 -18.60
CA TYR A 705 2.13 20.45 -18.90
C TYR A 705 1.84 18.96 -19.05
N TYR A 706 0.72 18.53 -18.49
CA TYR A 706 0.26 17.14 -18.60
C TYR A 706 -1.19 17.11 -19.06
N ASN A 707 -1.42 16.75 -20.33
CA ASN A 707 -2.76 16.39 -20.79
C ASN A 707 -3.19 15.07 -20.14
N PRO A 708 -3.98 15.12 -19.07
CA PRO A 708 -4.35 13.90 -18.35
C PRO A 708 -5.25 12.98 -19.17
N GLU A 709 -6.01 13.57 -20.09
CA GLU A 709 -6.92 12.82 -20.96
C GLU A 709 -6.20 11.81 -21.85
N THR A 710 -5.08 12.22 -22.44
CA THR A 710 -4.33 11.39 -23.37
C THR A 710 -3.01 10.89 -22.76
N GLN A 711 -2.93 10.85 -21.43
CA GLN A 711 -1.66 10.80 -20.70
C GLN A 711 -0.47 11.16 -21.60
N GLU A 712 -0.47 12.42 -22.01
CA GLU A 712 0.53 12.99 -22.90
C GLU A 712 0.99 14.34 -22.34
N SER A 713 2.12 14.82 -22.85
CA SER A 713 2.57 16.17 -22.60
C SER A 713 2.55 16.92 -23.93
N ALA A 714 3.12 18.13 -23.95
CA ALA A 714 3.38 18.81 -25.22
C ALA A 714 4.47 19.87 -25.06
N PRO A 715 5.04 20.34 -26.17
CA PRO A 715 6.04 21.41 -26.14
C PRO A 715 5.52 22.73 -25.58
N ASP A 716 6.45 23.56 -25.06
CA ASP A 716 6.10 24.87 -24.50
C ASP A 716 5.40 25.74 -25.55
N GLN A 717 5.96 25.73 -26.77
CA GLN A 717 5.39 26.46 -27.90
C GLN A 717 3.89 26.20 -28.09
N GLU A 718 3.49 24.93 -28.02
CA GLU A 718 2.08 24.55 -28.19
C GLU A 718 1.15 25.11 -27.10
N VAL A 719 1.64 25.17 -25.86
CA VAL A 719 0.79 25.45 -24.69
C VAL A 719 1.12 26.72 -23.88
N PHE A 720 2.02 27.58 -24.34
CA PHE A 720 2.48 28.68 -23.49
C PHE A 720 3.38 29.70 -24.21
N LYS A 721 2.98 30.97 -24.19
CA LYS A 721 3.87 32.07 -24.54
C LYS A 721 3.91 33.11 -23.42
N LYS A 722 5.10 33.31 -22.86
CA LYS A 722 5.35 34.43 -21.97
C LYS A 722 5.26 35.72 -22.77
N LEU A 723 4.34 36.61 -22.37
CA LEU A 723 4.12 37.87 -23.08
C LEU A 723 5.32 38.82 -22.95
N GLU A 724 5.41 39.78 -23.87
CA GLU A 724 6.54 40.71 -23.97
C GLU A 724 7.90 40.02 -23.88
C1 MLA B . -4.11 -9.51 -1.03
O1A MLA B . -4.02 -8.56 -0.21
O1B MLA B . -5.03 -9.61 -1.86
C2 MLA B . -3.06 -10.59 -0.99
C3 MLA B . -3.11 -11.30 0.35
O3A MLA B . -4.17 -11.29 1.00
O3B MLA B . -2.07 -11.87 0.75
C1 MLA C . 7.21 -38.06 -14.57
O1A MLA C . 7.24 -37.62 -15.74
O1B MLA C . 6.16 -38.35 -13.98
C2 MLA C . 8.52 -38.25 -13.80
C3 MLA C . 9.67 -37.45 -14.39
O3A MLA C . 9.53 -36.23 -14.58
O3B MLA C . 10.73 -38.07 -14.67
C1 MLA D . 11.82 28.05 6.03
O1A MLA D . 11.98 26.84 5.80
O1B MLA D . 10.74 28.51 6.48
C2 MLA D . 12.96 29.01 5.78
C3 MLA D . 13.08 29.43 4.32
O3A MLA D . 12.04 29.50 3.62
O3B MLA D . 14.21 29.68 3.87
C1 MLA E . -3.66 -21.07 -23.59
O1A MLA E . -4.15 -21.50 -22.52
O1B MLA E . -4.33 -20.42 -24.41
C2 MLA E . -2.20 -21.31 -23.90
C3 MLA E . -1.56 -22.38 -23.04
O3A MLA E . -2.19 -23.44 -22.80
O3B MLA E . -0.40 -22.18 -22.60
C1 MLA F . -20.28 31.92 -0.14
O1A MLA F . -19.70 32.35 -1.16
O1B MLA F . -20.73 32.68 0.75
C2 MLA F . -20.48 30.43 0.02
C3 MLA F . -19.17 29.74 0.30
O3A MLA F . -18.19 29.95 -0.45
O3B MLA F . -19.10 28.96 1.28
C1 MLA G . -21.14 18.87 -17.75
O1A MLA G . -20.89 18.48 -18.92
O1B MLA G . -22.28 18.78 -17.25
C2 MLA G . -20.05 19.49 -16.90
C3 MLA G . -18.69 18.85 -17.06
O3A MLA G . -18.29 18.48 -18.19
O3B MLA G . -17.99 18.71 -16.03
#